data_1KL7
#
_entry.id   1KL7
#
_cell.length_a   95.3
_cell.length_b   51.6
_cell.length_c   106.9
_cell.angle_alpha   90
_cell.angle_beta   99.6
_cell.angle_gamma   90
#
_symmetry.space_group_name_H-M   'P 1 21 1'
#
loop_
_entity.id
_entity.type
_entity.pdbx_description
1 polymer 'Threonine Synthase'
2 non-polymer "PYRIDOXAL-5'-PHOSPHATE"
3 water water
#
_entity_poly.entity_id   1
_entity_poly.type   'polypeptide(L)'
_entity_poly.pdbx_seq_one_letter_code
;(MSE)PNASQVYRSTRSSSPKTISFEEAIIQGLATDGGLFIPPTIPQVDQATLFNDWSKLSFQDLAFAI(MSE)RLYIAQ
EEIPDADLKDLIKRSYSTFRSDEVTPLVQNVTGDKENLHILELFHGPTYAFKDVALQFVGNLFEYFLQRTNANLPEGEKK
QITVVGATSGDTGSAAIYGLRGKKDVSVFILYPTGRISPIQEEQ(MSE)TTVPDENVQTLSVTGTFDNCQDIVKAIFGDK
EFNSKHNVGAVNSINWARILAQ(MSE)TYYFYSFFQATNGKDSKKVKFVVPSGNFGDILAGYFAKK(MSE)GLPIEKLAI
ATNENDILDRFLKSGLYERSDKVAATLSPA(MSE)DILISSNFERLLWYLAREYLANGDDLKAGEIVNNWFQELKTNGKF
QVDKSIIEGASKDFTSERVSNEETSETIKKIYESSVNPKHYILDPHTAVGVCATERLIAKDNDKSIQYISLSTAHPAKFA
DAVNNALSGFSNYSFEKDVLPEELKKLSTLKKKLKFIERADVELVKNAIEEELAK(MSE)KL
;
_entity_poly.pdbx_strand_id   A,B
#
loop_
_chem_comp.id
_chem_comp.type
_chem_comp.name
_chem_comp.formula
PLP non-polymer PYRIDOXAL-5'-PHOSPHATE 'C8 H10 N O6 P'
#
# COMPACT_ATOMS: atom_id res chain seq x y z
N PRO A 2 -12.18 -6.43 -9.75
CA PRO A 2 -11.36 -6.26 -10.99
C PRO A 2 -12.10 -5.47 -12.04
N ASN A 3 -11.38 -4.63 -12.77
CA ASN A 3 -11.99 -3.85 -13.83
C ASN A 3 -11.67 -4.55 -15.18
N ALA A 4 -12.01 -3.90 -16.30
CA ALA A 4 -11.79 -4.50 -17.62
C ALA A 4 -10.31 -4.72 -17.98
N SER A 5 -9.42 -4.22 -17.15
CA SER A 5 -8.01 -4.38 -17.42
C SER A 5 -7.39 -5.44 -16.52
N GLN A 6 -8.14 -5.89 -15.52
CA GLN A 6 -7.64 -6.88 -14.57
C GLN A 6 -8.34 -8.22 -14.73
N VAL A 7 -8.90 -8.42 -15.91
CA VAL A 7 -9.65 -9.62 -16.29
C VAL A 7 -9.03 -10.11 -17.58
N TYR A 8 -9.06 -11.40 -17.84
CA TYR A 8 -8.41 -11.91 -19.06
C TYR A 8 -9.17 -12.95 -19.89
N ARG A 9 -8.90 -12.96 -21.19
CA ARG A 9 -9.54 -13.89 -22.11
C ARG A 9 -8.54 -14.40 -23.16
N SER A 10 -8.86 -15.54 -23.77
CA SER A 10 -7.98 -16.11 -24.77
C SER A 10 -8.19 -15.45 -26.11
N THR A 11 -7.11 -15.18 -26.83
CA THR A 11 -7.22 -14.53 -28.12
C THR A 11 -8.09 -15.35 -29.07
N ARG A 12 -8.35 -16.60 -28.72
CA ARG A 12 -9.14 -17.44 -29.60
C ARG A 12 -10.57 -17.75 -29.11
N SER A 13 -10.88 -17.33 -27.89
CA SER A 13 -12.20 -17.55 -27.30
C SER A 13 -13.36 -16.70 -27.86
N SER A 14 -14.54 -17.30 -27.94
CA SER A 14 -15.74 -16.62 -28.41
C SER A 14 -16.75 -16.58 -27.29
N SER A 15 -16.31 -16.99 -26.11
CA SER A 15 -17.16 -17.01 -24.94
C SER A 15 -17.08 -15.72 -24.14
N PRO A 16 -18.20 -15.29 -23.55
CA PRO A 16 -18.27 -14.07 -22.75
C PRO A 16 -17.43 -14.20 -21.49
N LYS A 17 -17.13 -15.42 -21.11
CA LYS A 17 -16.36 -15.65 -19.89
C LYS A 17 -14.93 -15.13 -19.96
N THR A 18 -14.46 -14.65 -18.82
CA THR A 18 -13.11 -14.12 -18.69
C THR A 18 -12.59 -14.67 -17.37
N ILE A 19 -11.28 -14.86 -17.26
CA ILE A 19 -10.70 -15.40 -16.04
C ILE A 19 -9.90 -14.35 -15.30
N SER A 20 -9.38 -14.73 -14.13
CA SER A 20 -8.60 -13.82 -13.29
C SER A 20 -7.13 -13.77 -13.72
N PHE A 21 -6.39 -12.85 -13.13
CA PHE A 21 -4.97 -12.72 -13.44
C PHE A 21 -4.29 -14.01 -13.04
N GLU A 22 -4.49 -14.41 -11.79
CA GLU A 22 -3.90 -15.63 -11.25
C GLU A 22 -4.15 -16.81 -12.18
N GLU A 23 -5.39 -16.99 -12.62
CA GLU A 23 -5.72 -18.09 -13.50
C GLU A 23 -5.04 -18.00 -14.85
N ALA A 24 -4.91 -16.80 -15.39
CA ALA A 24 -4.26 -16.62 -16.67
C ALA A 24 -2.80 -16.97 -16.54
N ILE A 25 -2.19 -16.54 -15.43
CA ILE A 25 -0.78 -16.78 -15.14
C ILE A 25 -0.44 -18.25 -14.95
N ILE A 26 -1.21 -18.92 -14.12
CA ILE A 26 -0.97 -20.33 -13.86
C ILE A 26 -1.30 -21.18 -15.06
N GLN A 27 -2.40 -20.87 -15.73
CA GLN A 27 -2.77 -21.65 -16.89
C GLN A 27 -1.74 -21.52 -18.01
N GLY A 28 -1.14 -20.34 -18.15
CA GLY A 28 -0.15 -20.12 -19.19
C GLY A 28 -0.74 -19.95 -20.58
N LEU A 29 -1.01 -21.06 -21.25
CA LEU A 29 -1.62 -21.04 -22.56
C LEU A 29 -3.08 -21.38 -22.29
N ALA A 30 -3.98 -20.90 -23.15
CA ALA A 30 -5.40 -21.18 -22.94
C ALA A 30 -5.77 -22.55 -23.48
N THR A 31 -6.80 -23.12 -22.88
CA THR A 31 -7.30 -24.42 -23.28
C THR A 31 -7.47 -24.55 -24.79
N ASP A 32 -7.92 -23.48 -25.45
CA ASP A 32 -8.10 -23.53 -26.90
C ASP A 32 -6.87 -23.10 -27.73
N GLY A 33 -5.72 -22.96 -27.08
CA GLY A 33 -4.52 -22.59 -27.80
C GLY A 33 -4.23 -21.11 -27.96
N GLY A 34 -5.16 -20.29 -27.49
CA GLY A 34 -4.99 -18.86 -27.59
C GLY A 34 -4.16 -18.34 -26.43
N LEU A 35 -3.87 -17.03 -26.47
CA LEU A 35 -3.08 -16.39 -25.43
C LEU A 35 -3.98 -15.46 -24.64
N PHE A 36 -3.66 -15.26 -23.38
CA PHE A 36 -4.46 -14.39 -22.55
C PHE A 36 -4.07 -12.94 -22.75
N ILE A 37 -5.07 -12.07 -22.66
CA ILE A 37 -4.89 -10.64 -22.83
C ILE A 37 -6.01 -9.92 -22.13
N PRO A 38 -5.76 -8.70 -21.64
CA PRO A 38 -6.82 -7.93 -20.99
C PRO A 38 -7.73 -7.38 -22.09
N PRO A 39 -9.04 -7.63 -22.00
CA PRO A 39 -9.90 -7.10 -23.07
C PRO A 39 -9.78 -5.59 -23.20
N THR A 40 -9.51 -4.91 -22.09
CA THR A 40 -9.37 -3.47 -22.17
C THR A 40 -8.00 -3.01 -21.68
N ILE A 41 -7.31 -2.24 -22.52
CA ILE A 41 -6.00 -1.74 -22.17
C ILE A 41 -6.17 -0.51 -21.29
N PRO A 42 -5.64 -0.58 -20.05
CA PRO A 42 -5.73 0.52 -19.08
C PRO A 42 -5.16 1.85 -19.58
N GLN A 43 -5.93 2.90 -19.35
CA GLN A 43 -5.58 4.25 -19.76
C GLN A 43 -4.94 5.10 -18.66
N VAL A 44 -3.77 5.65 -18.92
CA VAL A 44 -3.10 6.50 -17.96
C VAL A 44 -3.06 7.87 -18.65
N ASP A 45 -3.44 8.92 -17.94
CA ASP A 45 -3.44 10.25 -18.54
C ASP A 45 -2.06 10.95 -18.49
N GLN A 46 -1.85 11.86 -19.44
CA GLN A 46 -0.58 12.56 -19.54
C GLN A 46 -0.14 13.21 -18.26
N ALA A 47 -1.08 13.79 -17.52
CA ALA A 47 -0.74 14.45 -16.25
C ALA A 47 -0.04 13.50 -15.33
N THR A 48 -0.66 12.35 -15.12
CA THR A 48 -0.11 11.33 -14.27
C THR A 48 1.25 10.88 -14.79
N LEU A 49 1.35 10.69 -16.10
CA LEU A 49 2.58 10.25 -16.70
C LEU A 49 3.72 11.20 -16.40
N PHE A 50 3.55 12.48 -16.74
CA PHE A 50 4.62 13.43 -16.53
C PHE A 50 4.74 14.08 -15.16
N ASN A 51 3.68 14.05 -14.37
CA ASN A 51 3.74 14.65 -13.03
C ASN A 51 4.09 13.66 -11.94
N ASP A 52 3.66 12.41 -12.11
CA ASP A 52 3.90 11.39 -11.11
C ASP A 52 4.76 10.21 -11.53
N TRP A 53 4.57 9.69 -12.73
CA TRP A 53 5.36 8.53 -13.15
C TRP A 53 6.79 8.87 -13.55
N SER A 54 6.98 10.03 -14.15
CA SER A 54 8.32 10.41 -14.58
C SER A 54 9.33 10.47 -13.44
N LYS A 55 8.84 10.60 -12.21
CA LYS A 55 9.74 10.67 -11.06
C LYS A 55 9.93 9.37 -10.31
N LEU A 56 9.37 8.27 -10.84
CA LEU A 56 9.48 6.98 -10.17
C LEU A 56 10.63 6.10 -10.65
N SER A 57 11.06 5.20 -9.76
CA SER A 57 12.14 4.26 -10.06
C SER A 57 11.54 3.04 -10.76
N PHE A 58 12.40 2.22 -11.36
CA PHE A 58 11.93 1.03 -12.06
C PHE A 58 10.88 0.30 -11.22
N GLN A 59 11.25 -0.07 -10.00
CA GLN A 59 10.37 -0.79 -9.10
C GLN A 59 9.03 -0.11 -8.83
N ASP A 60 9.04 1.20 -8.58
CA ASP A 60 7.79 1.90 -8.33
C ASP A 60 6.92 1.97 -9.59
N LEU A 61 7.55 2.04 -10.76
CA LEU A 61 6.79 2.07 -12.01
C LEU A 61 6.19 0.69 -12.19
N ALA A 62 6.95 -0.35 -11.88
CA ALA A 62 6.44 -1.71 -12.02
C ALA A 62 5.15 -1.85 -11.21
N PHE A 63 5.14 -1.26 -10.02
CA PHE A 63 3.98 -1.31 -9.13
C PHE A 63 2.82 -0.52 -9.74
N ALA A 64 3.08 0.72 -10.13
CA ALA A 64 2.05 1.55 -10.73
C ALA A 64 1.43 0.86 -11.96
N ILE A 65 2.27 0.36 -12.86
CA ILE A 65 1.81 -0.32 -14.06
C ILE A 65 1.04 -1.60 -13.75
N MSE A 66 1.62 -2.45 -12.92
CA MSE A 66 1.00 -3.72 -12.57
C MSE A 66 -0.31 -3.61 -11.80
O MSE A 66 -1.17 -4.49 -11.92
CB MSE A 66 2.00 -4.59 -11.81
CG MSE A 66 3.12 -5.11 -12.72
SE MSE A 66 4.46 -6.12 -11.75
CE MSE A 66 5.60 -6.70 -13.18
N ARG A 67 -0.46 -2.56 -11.02
CA ARG A 67 -1.71 -2.35 -10.28
C ARG A 67 -2.84 -2.19 -11.31
N LEU A 68 -2.51 -1.68 -12.48
CA LEU A 68 -3.50 -1.50 -13.52
C LEU A 68 -4.00 -2.82 -14.14
N TYR A 69 -3.22 -3.88 -14.08
CA TYR A 69 -3.64 -5.15 -14.67
C TYR A 69 -3.93 -6.23 -13.63
N ILE A 70 -3.58 -5.97 -12.38
CA ILE A 70 -3.78 -6.95 -11.34
C ILE A 70 -4.61 -6.34 -10.24
N ALA A 71 -5.76 -6.94 -9.95
CA ALA A 71 -6.64 -6.41 -8.90
C ALA A 71 -6.07 -6.56 -7.49
N GLN A 72 -6.40 -5.60 -6.62
CA GLN A 72 -5.97 -5.64 -5.22
C GLN A 72 -6.34 -6.98 -4.59
N GLU A 73 -7.51 -7.48 -4.96
CA GLU A 73 -7.99 -8.73 -4.42
C GLU A 73 -7.06 -9.89 -4.76
N GLU A 74 -6.56 -9.93 -5.98
CA GLU A 74 -5.67 -11.02 -6.36
C GLU A 74 -4.27 -10.91 -5.75
N ILE A 75 -3.79 -9.69 -5.56
CA ILE A 75 -2.47 -9.45 -4.98
C ILE A 75 -2.45 -8.06 -4.33
N PRO A 76 -2.50 -8.01 -2.98
CA PRO A 76 -2.48 -6.79 -2.18
C PRO A 76 -1.24 -5.94 -2.43
N ASP A 77 -1.33 -4.64 -2.16
CA ASP A 77 -0.20 -3.74 -2.38
C ASP A 77 1.09 -4.26 -1.78
N ALA A 78 1.04 -4.64 -0.50
CA ALA A 78 2.22 -5.15 0.19
C ALA A 78 2.85 -6.31 -0.56
N ASP A 79 2.08 -7.37 -0.77
CA ASP A 79 2.58 -8.53 -1.47
C ASP A 79 3.17 -8.17 -2.84
N LEU A 80 2.46 -7.35 -3.62
CA LEU A 80 2.97 -6.99 -4.95
C LEU A 80 4.26 -6.20 -4.88
N LYS A 81 4.39 -5.27 -3.94
CA LYS A 81 5.61 -4.49 -3.84
C LYS A 81 6.81 -5.36 -3.44
N ASP A 82 6.53 -6.46 -2.76
CA ASP A 82 7.57 -7.39 -2.33
C ASP A 82 8.03 -8.18 -3.53
N LEU A 83 7.07 -8.72 -4.27
CA LEU A 83 7.39 -9.48 -5.48
C LEU A 83 8.30 -8.66 -6.39
N ILE A 84 8.02 -7.37 -6.51
CA ILE A 84 8.83 -6.51 -7.35
C ILE A 84 10.19 -6.29 -6.74
N LYS A 85 10.24 -5.95 -5.46
CA LYS A 85 11.50 -5.71 -4.77
C LYS A 85 12.45 -6.89 -4.86
N ARG A 86 11.95 -8.09 -4.59
CA ARG A 86 12.79 -9.28 -4.62
C ARG A 86 13.16 -9.68 -6.03
N SER A 87 12.23 -9.46 -6.96
CA SER A 87 12.44 -9.80 -8.35
C SER A 87 13.60 -9.04 -8.96
N TYR A 88 13.74 -7.77 -8.62
CA TYR A 88 14.78 -6.95 -9.20
C TYR A 88 15.95 -6.65 -8.27
N SER A 89 15.99 -7.34 -7.15
CA SER A 89 17.08 -7.11 -6.20
C SER A 89 18.29 -7.89 -6.69
N THR A 90 18.08 -8.75 -7.67
CA THR A 90 19.19 -9.54 -8.19
C THR A 90 19.83 -8.91 -9.42
N PHE A 91 19.59 -7.62 -9.62
CA PHE A 91 20.14 -6.91 -10.76
C PHE A 91 21.37 -6.10 -10.37
N ARG A 92 22.42 -6.24 -11.16
CA ARG A 92 23.67 -5.55 -10.90
C ARG A 92 23.65 -4.06 -11.17
N SER A 93 22.50 -3.53 -11.57
CA SER A 93 22.40 -2.11 -11.81
C SER A 93 21.38 -1.55 -10.83
N ASP A 94 21.73 -0.44 -10.22
CA ASP A 94 20.85 0.18 -9.25
C ASP A 94 19.51 0.54 -9.91
N GLU A 95 19.58 0.88 -11.19
CA GLU A 95 18.41 1.27 -11.97
C GLU A 95 17.71 0.08 -12.60
N VAL A 96 18.24 -1.11 -12.40
CA VAL A 96 17.66 -2.33 -12.97
C VAL A 96 17.94 -2.33 -14.48
N THR A 97 17.34 -1.39 -15.18
CA THR A 97 17.54 -1.27 -16.62
C THR A 97 18.03 0.14 -16.97
N PRO A 98 19.35 0.35 -16.87
CA PRO A 98 19.98 1.65 -17.16
C PRO A 98 19.98 2.05 -18.64
N LEU A 99 19.73 3.33 -18.90
CA LEU A 99 19.73 3.84 -20.25
C LEU A 99 21.10 4.47 -20.45
N VAL A 100 21.78 4.06 -21.53
CA VAL A 100 23.09 4.59 -21.88
C VAL A 100 22.78 5.57 -23.01
N GLN A 101 22.82 6.87 -22.72
CA GLN A 101 22.46 7.86 -23.74
C GLN A 101 23.58 8.41 -24.62
N ASN A 102 23.19 8.81 -25.83
CA ASN A 102 24.09 9.38 -26.84
C ASN A 102 25.38 8.62 -26.92
N VAL A 103 25.32 7.31 -27.08
CA VAL A 103 26.53 6.50 -27.19
C VAL A 103 27.41 6.98 -28.35
N THR A 104 26.81 7.38 -29.45
CA THR A 104 27.58 7.85 -30.59
C THR A 104 27.80 9.35 -30.68
N GLY A 105 27.84 10.03 -29.55
CA GLY A 105 28.05 11.47 -29.58
C GLY A 105 26.75 12.23 -29.65
N ASP A 106 26.79 13.48 -30.07
CA ASP A 106 25.56 14.22 -30.14
C ASP A 106 25.11 14.66 -31.51
N LYS A 107 25.65 14.03 -32.53
CA LYS A 107 25.26 14.33 -33.90
C LYS A 107 23.86 13.73 -34.09
N GLU A 108 23.58 12.67 -33.31
CA GLU A 108 22.29 11.98 -33.34
C GLU A 108 21.94 11.68 -31.87
N ASN A 109 20.78 11.07 -31.64
CA ASN A 109 20.37 10.71 -30.27
C ASN A 109 20.17 9.21 -30.20
N LEU A 110 21.28 8.47 -30.19
CA LEU A 110 21.21 7.02 -30.12
C LEU A 110 21.45 6.50 -28.72
N HIS A 111 20.38 6.06 -28.05
CA HIS A 111 20.49 5.52 -26.69
C HIS A 111 20.37 4.01 -26.71
N ILE A 112 21.13 3.36 -25.86
CA ILE A 112 21.06 1.93 -25.79
C ILE A 112 20.53 1.64 -24.39
N LEU A 113 19.39 0.97 -24.33
CA LEU A 113 18.79 0.59 -23.06
C LEU A 113 19.36 -0.77 -22.71
N GLU A 114 20.20 -0.84 -21.69
CA GLU A 114 20.79 -2.13 -21.32
C GLU A 114 19.84 -2.95 -20.46
N LEU A 115 19.39 -4.08 -20.98
CA LEU A 115 18.47 -4.95 -20.26
C LEU A 115 19.15 -6.24 -19.81
N PHE A 116 20.48 -6.24 -19.77
CA PHE A 116 21.24 -7.44 -19.39
C PHE A 116 21.89 -7.43 -18.01
N HIS A 117 21.48 -6.52 -17.13
CA HIS A 117 22.08 -6.48 -15.79
C HIS A 117 21.50 -7.47 -14.77
N GLY A 118 20.73 -8.43 -15.25
CA GLY A 118 20.15 -9.41 -14.36
C GLY A 118 20.97 -10.68 -14.23
N PRO A 119 20.58 -11.56 -13.31
CA PRO A 119 21.26 -12.82 -13.03
C PRO A 119 21.91 -13.54 -14.21
N THR A 120 21.24 -13.61 -15.36
CA THR A 120 21.83 -14.33 -16.50
C THR A 120 22.41 -13.50 -17.65
N TYR A 121 22.54 -12.19 -17.45
CA TYR A 121 23.13 -11.31 -18.46
C TYR A 121 22.38 -11.26 -19.79
N ALA A 122 21.10 -11.60 -19.74
CA ALA A 122 20.23 -11.56 -20.91
C ALA A 122 18.93 -10.93 -20.44
N PHE A 123 18.27 -10.19 -21.33
CA PHE A 123 17.03 -9.49 -21.00
C PHE A 123 15.85 -10.32 -20.52
N LYS A 124 15.85 -11.62 -20.74
CA LYS A 124 14.71 -12.41 -20.30
C LYS A 124 14.59 -12.50 -18.78
N ASP A 125 15.60 -12.00 -18.08
CA ASP A 125 15.60 -12.01 -16.62
C ASP A 125 14.51 -11.11 -16.09
N VAL A 126 14.29 -9.98 -16.75
CA VAL A 126 13.26 -9.06 -16.28
C VAL A 126 11.91 -9.77 -16.13
N ALA A 127 11.55 -10.56 -17.12
CA ALA A 127 10.28 -11.27 -17.07
C ALA A 127 10.36 -12.44 -16.08
N LEU A 128 11.23 -13.39 -16.37
CA LEU A 128 11.41 -14.60 -15.60
C LEU A 128 11.68 -14.45 -14.09
N GLN A 129 12.40 -13.42 -13.68
CA GLN A 129 12.61 -13.23 -12.26
C GLN A 129 11.23 -12.94 -11.64
N PHE A 130 10.50 -12.02 -12.24
CA PHE A 130 9.16 -11.67 -11.78
C PHE A 130 8.22 -12.88 -11.81
N VAL A 131 8.10 -13.53 -12.97
CA VAL A 131 7.21 -14.67 -13.11
C VAL A 131 7.52 -15.81 -12.13
N GLY A 132 8.80 -16.12 -11.96
CA GLY A 132 9.17 -17.16 -11.03
C GLY A 132 8.64 -16.82 -9.66
N ASN A 133 8.87 -15.60 -9.21
CA ASN A 133 8.39 -15.23 -7.89
C ASN A 133 6.87 -15.30 -7.85
N LEU A 134 6.23 -14.93 -8.96
CA LEU A 134 4.79 -14.98 -9.04
C LEU A 134 4.34 -16.39 -8.79
N PHE A 135 4.89 -17.32 -9.55
CA PHE A 135 4.51 -18.70 -9.38
C PHE A 135 4.63 -19.14 -7.94
N GLU A 136 5.76 -18.83 -7.31
CA GLU A 136 5.99 -19.23 -5.93
C GLU A 136 4.90 -18.65 -5.03
N TYR A 137 4.57 -17.39 -5.26
CA TYR A 137 3.55 -16.70 -4.49
C TYR A 137 2.15 -17.34 -4.63
N PHE A 138 1.73 -17.61 -5.86
CA PHE A 138 0.43 -18.21 -6.06
C PHE A 138 0.40 -19.64 -5.52
N LEU A 139 1.46 -20.41 -5.79
CA LEU A 139 1.54 -21.81 -5.35
C LEU A 139 1.50 -21.87 -3.84
N GLN A 140 2.16 -20.90 -3.22
CA GLN A 140 2.23 -20.82 -1.77
C GLN A 140 0.85 -20.64 -1.15
N ARG A 141 0.12 -19.59 -1.56
CA ARG A 141 -1.22 -19.30 -1.03
C ARG A 141 -2.12 -20.53 -1.11
N THR A 142 -2.05 -21.24 -2.22
CA THR A 142 -2.85 -22.44 -2.41
C THR A 142 -2.43 -23.39 -1.30
N ASN A 143 -1.19 -23.88 -1.36
CA ASN A 143 -0.67 -24.81 -0.37
C ASN A 143 -0.85 -24.28 1.06
N ALA A 144 -1.06 -22.97 1.19
CA ALA A 144 -1.23 -22.35 2.51
C ALA A 144 -2.45 -22.91 3.24
N ASN A 145 -3.18 -23.79 2.57
CA ASN A 145 -4.35 -24.41 3.17
C ASN A 145 -4.13 -25.94 3.27
N LEU A 146 -3.34 -26.49 2.36
CA LEU A 146 -3.04 -27.93 2.36
C LEU A 146 -2.52 -28.30 3.75
N PRO A 147 -2.46 -29.59 4.04
CA PRO A 147 -2.00 -30.04 5.36
C PRO A 147 -0.55 -30.54 5.39
N GLU A 148 0.40 -29.70 4.97
CA GLU A 148 1.83 -30.06 4.94
C GLU A 148 2.00 -31.38 4.16
N GLY A 149 0.85 -31.99 3.88
CA GLY A 149 0.77 -33.23 3.14
C GLY A 149 -0.36 -32.98 2.16
N GLU A 150 -0.26 -33.57 0.98
CA GLU A 150 -1.26 -33.38 -0.06
C GLU A 150 -1.13 -31.94 -0.57
N LYS A 151 0.03 -31.31 -0.29
CA LYS A 151 0.32 -29.94 -0.73
C LYS A 151 0.89 -30.02 -2.15
N LYS A 152 0.19 -29.41 -3.09
CA LYS A 152 0.57 -29.42 -4.51
C LYS A 152 2.00 -28.95 -4.76
N GLN A 153 2.58 -29.44 -5.85
CA GLN A 153 3.93 -29.08 -6.24
C GLN A 153 4.06 -29.10 -7.75
N ILE A 154 4.68 -28.06 -8.31
CA ILE A 154 4.85 -27.98 -9.76
C ILE A 154 6.25 -28.40 -10.18
N THR A 155 6.36 -28.81 -11.44
CA THR A 155 7.64 -29.24 -11.98
C THR A 155 7.80 -28.76 -13.43
N VAL A 156 8.48 -27.64 -13.60
CA VAL A 156 8.69 -27.09 -14.93
C VAL A 156 9.65 -27.97 -15.72
N VAL A 157 9.32 -28.18 -16.99
CA VAL A 157 10.15 -29.01 -17.86
C VAL A 157 10.22 -28.38 -19.24
N GLY A 158 11.40 -28.41 -19.84
CA GLY A 158 11.55 -27.84 -21.17
C GLY A 158 12.92 -28.08 -21.77
N ALA A 159 13.07 -27.73 -23.05
CA ALA A 159 14.33 -27.91 -23.75
C ALA A 159 14.98 -26.57 -24.14
N THR A 160 16.31 -26.52 -24.15
CA THR A 160 17.02 -25.30 -24.49
C THR A 160 18.03 -25.46 -25.62
N SER A 161 18.00 -24.52 -26.56
CA SER A 161 18.93 -24.54 -27.69
C SER A 161 20.17 -23.72 -27.37
N GLY A 162 20.18 -23.11 -26.18
CA GLY A 162 21.31 -22.31 -25.77
C GLY A 162 21.15 -21.51 -24.49
N ASP A 163 20.60 -20.32 -24.61
CA ASP A 163 20.44 -19.43 -23.46
C ASP A 163 19.06 -19.43 -22.83
N THR A 164 18.02 -19.40 -23.66
CA THR A 164 16.63 -19.37 -23.18
C THR A 164 16.42 -20.03 -21.81
N GLY A 165 16.92 -21.25 -21.66
CA GLY A 165 16.76 -21.97 -20.41
C GLY A 165 17.37 -21.33 -19.17
N SER A 166 18.50 -20.66 -19.33
CA SER A 166 19.17 -20.01 -18.22
C SER A 166 18.22 -19.11 -17.46
N ALA A 167 17.49 -18.27 -18.19
CA ALA A 167 16.56 -17.34 -17.60
C ALA A 167 15.52 -18.03 -16.71
N ALA A 168 14.95 -19.11 -17.22
CA ALA A 168 13.96 -19.87 -16.48
C ALA A 168 14.57 -20.48 -15.22
N ILE A 169 15.77 -21.05 -15.37
CA ILE A 169 16.45 -21.67 -14.25
C ILE A 169 16.70 -20.67 -13.12
N TYR A 170 17.20 -19.47 -13.44
CA TYR A 170 17.46 -18.50 -12.38
C TYR A 170 16.19 -17.87 -11.80
N GLY A 171 15.09 -17.95 -12.53
CA GLY A 171 13.83 -17.39 -12.06
C GLY A 171 13.04 -18.40 -11.23
N LEU A 172 13.42 -19.66 -11.32
CA LEU A 172 12.73 -20.69 -10.55
C LEU A 172 13.62 -21.36 -9.51
N ARG A 173 14.93 -21.16 -9.62
CA ARG A 173 15.89 -21.74 -8.68
C ARG A 173 15.55 -21.37 -7.24
N GLY A 174 15.43 -22.38 -6.39
CA GLY A 174 15.14 -22.13 -4.98
C GLY A 174 13.74 -21.69 -4.60
N LYS A 175 12.81 -21.76 -5.53
CA LYS A 175 11.44 -21.37 -5.23
C LYS A 175 10.72 -22.56 -4.62
N LYS A 176 10.02 -22.31 -3.51
CA LYS A 176 9.29 -23.34 -2.80
C LYS A 176 8.37 -24.18 -3.68
N ASP A 177 8.31 -25.48 -3.37
CA ASP A 177 7.45 -26.43 -4.08
C ASP A 177 7.45 -26.31 -5.60
N VAL A 178 8.62 -26.10 -6.19
CA VAL A 178 8.76 -25.99 -7.63
C VAL A 178 10.03 -26.73 -7.98
N SER A 179 10.11 -27.23 -9.21
CA SER A 179 11.30 -27.92 -9.64
C SER A 179 11.43 -27.69 -11.13
N VAL A 180 12.67 -27.55 -11.59
CA VAL A 180 12.91 -27.29 -12.99
C VAL A 180 13.82 -28.30 -13.64
N PHE A 181 13.31 -28.97 -14.68
CA PHE A 181 14.10 -29.94 -15.42
C PHE A 181 14.18 -29.43 -16.84
N ILE A 182 15.39 -29.15 -17.31
CA ILE A 182 15.57 -28.66 -18.67
C ILE A 182 16.52 -29.51 -19.49
N LEU A 183 15.99 -30.05 -20.58
CA LEU A 183 16.74 -30.89 -21.49
C LEU A 183 17.47 -30.03 -22.51
N TYR A 184 18.66 -30.48 -22.91
CA TYR A 184 19.42 -29.76 -23.91
C TYR A 184 20.32 -30.74 -24.65
N PRO A 185 20.48 -30.57 -25.97
CA PRO A 185 21.31 -31.46 -26.78
C PRO A 185 22.78 -31.29 -26.37
N THR A 186 23.44 -32.41 -26.07
CA THR A 186 24.83 -32.35 -25.62
C THR A 186 25.78 -31.89 -26.72
N GLY A 187 26.84 -31.18 -26.31
CA GLY A 187 27.81 -30.68 -27.24
C GLY A 187 27.22 -29.66 -28.19
N ARG A 188 25.90 -29.48 -28.14
CA ARG A 188 25.21 -28.53 -29.01
C ARG A 188 25.07 -27.18 -28.29
N ILE A 189 25.35 -27.18 -26.99
CA ILE A 189 25.26 -25.99 -26.15
C ILE A 189 26.64 -25.39 -25.85
N SER A 190 26.84 -24.13 -26.24
CA SER A 190 28.11 -23.47 -26.02
C SER A 190 28.48 -23.55 -24.54
N PRO A 191 29.77 -23.45 -24.21
CA PRO A 191 30.28 -23.50 -22.85
C PRO A 191 29.59 -22.61 -21.83
N ILE A 192 29.58 -21.30 -22.09
CA ILE A 192 28.99 -20.31 -21.19
C ILE A 192 27.49 -20.47 -20.88
N GLN A 193 26.73 -21.01 -21.82
CA GLN A 193 25.31 -21.20 -21.59
C GLN A 193 25.10 -22.40 -20.67
N GLU A 194 25.93 -23.42 -20.86
CA GLU A 194 25.84 -24.62 -20.04
C GLU A 194 26.33 -24.34 -18.63
N GLU A 195 27.36 -23.54 -18.52
CA GLU A 195 27.91 -23.21 -17.22
C GLU A 195 26.89 -22.48 -16.36
N GLN A 196 26.13 -21.58 -16.95
CA GLN A 196 25.14 -20.85 -16.18
C GLN A 196 24.10 -21.81 -15.62
N MSE A 197 23.66 -22.74 -16.47
CA MSE A 197 22.66 -23.73 -16.09
C MSE A 197 23.12 -24.79 -15.09
O MSE A 197 22.51 -24.98 -14.03
CB MSE A 197 22.11 -24.43 -17.34
CG MSE A 197 21.24 -23.55 -18.24
SE MSE A 197 20.39 -24.50 -19.76
CE MSE A 197 21.55 -23.88 -21.18
N THR A 198 24.20 -25.48 -15.41
CA THR A 198 24.71 -26.54 -14.53
C THR A 198 25.44 -26.07 -13.27
N THR A 199 25.79 -24.79 -13.21
CA THR A 199 26.51 -24.25 -12.05
C THR A 199 25.68 -23.98 -10.83
N VAL A 200 24.51 -23.39 -11.03
CA VAL A 200 23.61 -23.05 -9.95
C VAL A 200 23.47 -24.21 -8.95
N PRO A 201 23.74 -23.92 -7.66
CA PRO A 201 23.64 -24.90 -6.56
C PRO A 201 22.24 -25.43 -6.23
N ASP A 202 21.25 -24.53 -6.16
CA ASP A 202 19.87 -24.90 -5.84
C ASP A 202 19.45 -26.31 -6.27
N GLU A 203 18.76 -27.00 -5.36
CA GLU A 203 18.32 -28.38 -5.57
C GLU A 203 17.15 -28.57 -6.50
N ASN A 204 16.19 -27.66 -6.46
CA ASN A 204 15.02 -27.77 -7.31
C ASN A 204 15.31 -27.69 -8.81
N VAL A 205 16.59 -27.61 -9.17
CA VAL A 205 16.98 -27.55 -10.58
C VAL A 205 17.88 -28.72 -11.00
N GLN A 206 17.63 -29.25 -12.20
CA GLN A 206 18.40 -30.35 -12.71
C GLN A 206 18.29 -30.39 -14.23
N THR A 207 19.36 -30.03 -14.92
CA THR A 207 19.34 -30.05 -16.38
C THR A 207 19.67 -31.47 -16.86
N LEU A 208 19.14 -31.82 -18.03
CA LEU A 208 19.38 -33.14 -18.61
C LEU A 208 20.10 -32.99 -19.93
N SER A 209 21.30 -33.56 -20.04
CA SER A 209 22.10 -33.48 -21.25
C SER A 209 21.75 -34.60 -22.21
N VAL A 210 20.64 -34.43 -22.91
CA VAL A 210 20.14 -35.41 -23.87
C VAL A 210 21.10 -35.56 -25.06
N THR A 211 21.54 -36.79 -25.30
CA THR A 211 22.45 -37.08 -26.40
C THR A 211 21.65 -37.19 -27.69
N GLY A 212 21.65 -36.12 -28.47
CA GLY A 212 20.91 -36.07 -29.72
C GLY A 212 20.91 -34.66 -30.27
N THR A 213 19.83 -34.26 -30.94
CA THR A 213 19.74 -32.91 -31.49
C THR A 213 18.81 -32.04 -30.66
N PHE A 214 18.69 -30.77 -31.01
CA PHE A 214 17.82 -29.86 -30.28
C PHE A 214 16.38 -30.12 -30.72
N ASP A 215 16.18 -30.26 -32.02
CA ASP A 215 14.85 -30.54 -32.56
C ASP A 215 14.46 -31.91 -32.04
N ASN A 216 15.46 -32.62 -31.52
CA ASN A 216 15.28 -33.95 -30.95
C ASN A 216 14.67 -33.75 -29.55
N CYS A 217 15.19 -32.76 -28.83
CA CYS A 217 14.75 -32.44 -27.47
C CYS A 217 13.34 -31.87 -27.39
N GLN A 218 12.86 -31.28 -28.49
CA GLN A 218 11.50 -30.72 -28.51
C GLN A 218 10.49 -31.87 -28.39
N ASP A 219 10.80 -32.98 -29.06
CA ASP A 219 9.94 -34.16 -29.05
C ASP A 219 10.19 -35.03 -27.81
N ILE A 220 11.45 -35.14 -27.40
CA ILE A 220 11.81 -35.94 -26.23
C ILE A 220 11.30 -35.28 -24.94
N VAL A 221 10.67 -34.11 -25.09
CA VAL A 221 10.12 -33.35 -23.98
C VAL A 221 8.65 -33.01 -24.24
N LYS A 222 8.28 -32.90 -25.52
CA LYS A 222 6.90 -32.63 -25.89
C LYS A 222 6.09 -33.86 -25.47
N ALA A 223 6.71 -35.02 -25.57
CA ALA A 223 6.09 -36.28 -25.20
C ALA A 223 5.76 -36.25 -23.71
N ILE A 224 6.78 -35.97 -22.90
CA ILE A 224 6.61 -35.89 -21.45
C ILE A 224 5.54 -34.84 -21.19
N PHE A 225 5.50 -33.84 -22.07
CA PHE A 225 4.54 -32.75 -21.97
C PHE A 225 3.12 -33.20 -22.32
N GLY A 226 2.97 -33.78 -23.51
CA GLY A 226 1.66 -34.25 -23.93
C GLY A 226 1.07 -35.09 -22.80
N ASP A 227 1.96 -35.61 -21.97
CA ASP A 227 1.61 -36.44 -20.81
C ASP A 227 1.36 -37.90 -21.12
N LYS A 228 0.85 -38.59 -20.10
CA LYS A 228 0.54 -40.00 -20.14
C LYS A 228 -0.05 -40.19 -18.74
N GLU A 229 0.50 -41.12 -17.97
CA GLU A 229 0.04 -41.30 -16.59
C GLU A 229 0.75 -40.17 -15.85
N PHE A 230 1.41 -39.32 -16.65
CA PHE A 230 2.16 -38.16 -16.18
C PHE A 230 1.23 -36.95 -16.06
N ASN A 231 0.33 -37.03 -15.08
CA ASN A 231 -0.64 -35.97 -14.82
C ASN A 231 0.05 -34.83 -14.06
N HIS A 234 1.54 -35.84 -11.89
CA HIS A 234 1.75 -34.77 -10.91
C HIS A 234 2.10 -33.41 -11.52
N ASN A 235 1.27 -32.41 -11.20
CA ASN A 235 1.42 -31.03 -11.67
C ASN A 235 2.71 -30.72 -12.44
N VAL A 236 2.59 -30.71 -13.77
CA VAL A 236 3.73 -30.46 -14.67
C VAL A 236 3.73 -29.06 -15.27
N GLY A 237 4.71 -28.25 -14.87
CA GLY A 237 4.82 -26.89 -15.38
C GLY A 237 5.24 -26.84 -16.83
N ALA A 238 5.28 -25.63 -17.40
CA ALA A 238 5.67 -25.48 -18.80
C ALA A 238 6.63 -24.31 -19.01
N VAL A 239 7.60 -24.52 -19.91
CA VAL A 239 8.58 -23.48 -20.23
C VAL A 239 8.07 -22.71 -21.46
N ASN A 240 7.39 -21.60 -21.21
CA ASN A 240 6.79 -20.80 -22.27
C ASN A 240 7.33 -19.39 -22.43
N SER A 241 6.94 -18.78 -23.55
CA SER A 241 7.33 -17.41 -23.87
C SER A 241 6.05 -16.59 -24.02
N ILE A 242 4.91 -17.25 -23.88
CA ILE A 242 3.64 -16.56 -24.05
C ILE A 242 2.83 -16.28 -22.80
N ASN A 243 3.45 -16.36 -21.63
CA ASN A 243 2.75 -16.08 -20.40
C ASN A 243 2.44 -14.60 -20.35
N TRP A 244 1.29 -14.22 -19.77
CA TRP A 244 0.92 -12.84 -19.68
C TRP A 244 1.86 -12.08 -18.75
N ALA A 245 2.25 -12.73 -17.66
CA ALA A 245 3.14 -12.13 -16.71
C ALA A 245 4.40 -11.67 -17.41
N ARG A 246 4.78 -12.36 -18.47
CA ARG A 246 5.96 -11.94 -19.18
C ARG A 246 5.74 -10.56 -19.79
N ILE A 247 4.70 -10.44 -20.60
CA ILE A 247 4.41 -9.15 -21.22
C ILE A 247 4.32 -8.05 -20.17
N LEU A 248 3.56 -8.31 -19.13
CA LEU A 248 3.38 -7.35 -18.06
C LEU A 248 4.70 -6.86 -17.45
N ALA A 249 5.61 -7.77 -17.11
CA ALA A 249 6.89 -7.38 -16.53
C ALA A 249 7.70 -6.51 -17.49
N GLN A 250 7.66 -6.86 -18.76
CA GLN A 250 8.43 -6.11 -19.73
C GLN A 250 7.96 -4.71 -20.03
N MSE A 251 6.80 -4.32 -19.54
CA MSE A 251 6.30 -2.98 -19.81
C MSE A 251 7.05 -1.89 -19.05
O MSE A 251 7.21 -0.77 -19.53
CB MSE A 251 4.82 -2.88 -19.43
CG MSE A 251 3.89 -3.80 -20.18
SE MSE A 251 2.10 -3.35 -19.65
CE MSE A 251 1.19 -5.02 -20.07
N THR A 252 7.51 -2.25 -17.86
CA THR A 252 8.21 -1.31 -16.98
C THR A 252 9.35 -0.54 -17.60
N TYR A 253 10.28 -1.22 -18.27
CA TYR A 253 11.38 -0.47 -18.83
C TYR A 253 11.09 0.45 -20.01
N TYR A 254 9.96 0.29 -20.70
CA TYR A 254 9.68 1.24 -21.78
C TYR A 254 9.38 2.57 -21.11
N PHE A 255 8.54 2.54 -20.08
CA PHE A 255 8.20 3.75 -19.37
C PHE A 255 9.45 4.33 -18.72
N TYR A 256 10.13 3.48 -17.96
CA TYR A 256 11.34 3.92 -17.29
C TYR A 256 12.29 4.68 -18.22
N SER A 257 12.72 4.03 -19.29
CA SER A 257 13.66 4.64 -20.22
C SER A 257 13.05 5.84 -20.94
N PHE A 258 11.78 5.79 -21.29
CA PHE A 258 11.16 6.94 -21.93
C PHE A 258 11.46 8.20 -21.10
N PHE A 259 11.13 8.16 -19.81
CA PHE A 259 11.39 9.29 -18.91
C PHE A 259 12.88 9.61 -18.79
N GLN A 260 13.72 8.58 -18.78
CA GLN A 260 15.14 8.85 -18.70
C GLN A 260 15.59 9.66 -19.92
N ALA A 261 14.98 9.37 -21.06
CA ALA A 261 15.33 10.04 -22.30
C ALA A 261 14.65 11.37 -22.54
N THR A 262 13.71 11.76 -21.68
CA THR A 262 13.01 13.02 -21.89
C THR A 262 12.89 13.95 -20.69
N ASN A 263 13.10 13.43 -19.49
CA ASN A 263 12.99 14.27 -18.31
C ASN A 263 13.97 15.39 -18.48
N GLY A 264 13.47 16.62 -18.31
CA GLY A 264 14.32 17.79 -18.48
C GLY A 264 14.32 18.26 -19.93
N LYS A 265 14.91 17.43 -20.80
CA LYS A 265 15.00 17.74 -22.22
C LYS A 265 13.76 18.38 -22.82
N ASP A 266 13.93 19.03 -23.97
CA ASP A 266 12.83 19.69 -24.65
C ASP A 266 12.13 18.81 -25.70
N SER A 267 12.85 17.81 -26.18
CA SER A 267 12.27 16.88 -27.15
C SER A 267 11.66 15.71 -26.37
N LYS A 268 10.34 15.56 -26.46
CA LYS A 268 9.68 14.46 -25.78
C LYS A 268 9.32 13.37 -26.80
N LYS A 269 9.93 13.45 -27.97
CA LYS A 269 9.68 12.47 -29.01
C LYS A 269 10.73 11.36 -28.93
N VAL A 270 10.26 10.12 -28.72
CA VAL A 270 11.17 9.00 -28.64
C VAL A 270 10.68 7.80 -29.42
N LYS A 271 11.60 7.09 -30.04
CA LYS A 271 11.29 5.92 -30.82
C LYS A 271 12.09 4.76 -30.31
N PHE A 272 11.38 3.65 -30.07
CA PHE A 272 12.00 2.42 -29.57
C PHE A 272 12.29 1.49 -30.74
N VAL A 273 13.49 0.90 -30.76
CA VAL A 273 13.81 -0.06 -31.80
C VAL A 273 14.07 -1.33 -31.00
N VAL A 274 13.36 -2.40 -31.35
CA VAL A 274 13.44 -3.62 -30.59
C VAL A 274 13.80 -4.86 -31.38
N PRO A 275 14.99 -5.41 -31.16
CA PRO A 275 15.29 -6.61 -31.93
C PRO A 275 14.27 -7.66 -31.44
N SER A 276 13.46 -8.18 -32.36
CA SER A 276 12.39 -9.11 -31.98
C SER A 276 12.46 -10.54 -32.46
N GLY A 277 11.82 -11.43 -31.71
CA GLY A 277 11.75 -12.84 -32.06
C GLY A 277 10.28 -13.23 -31.98
N ASN A 278 9.83 -13.55 -30.79
CA ASN A 278 8.43 -13.91 -30.58
C ASN A 278 7.49 -12.75 -30.29
N PHE A 279 7.99 -11.52 -30.46
CA PHE A 279 7.17 -10.31 -30.30
C PHE A 279 6.78 -9.87 -28.89
N GLY A 280 7.05 -10.70 -27.88
CA GLY A 280 6.68 -10.35 -26.53
C GLY A 280 7.27 -9.05 -26.04
N ASP A 281 8.57 -8.87 -26.29
CA ASP A 281 9.28 -7.69 -25.88
C ASP A 281 8.68 -6.42 -26.46
N ILE A 282 8.56 -6.38 -27.79
CA ILE A 282 8.00 -5.19 -28.43
C ILE A 282 6.51 -5.04 -28.17
N LEU A 283 5.80 -6.15 -27.98
CA LEU A 283 4.37 -6.10 -27.71
C LEU A 283 4.13 -5.38 -26.37
N ALA A 284 5.06 -5.53 -25.44
CA ALA A 284 4.93 -4.84 -24.16
C ALA A 284 5.06 -3.35 -24.43
N GLY A 285 5.84 -2.99 -25.46
CA GLY A 285 5.99 -1.60 -25.81
C GLY A 285 4.70 -1.11 -26.45
N TYR A 286 3.97 -2.02 -27.10
CA TYR A 286 2.70 -1.69 -27.75
C TYR A 286 1.70 -1.31 -26.67
N PHE A 287 1.67 -2.11 -25.60
CA PHE A 287 0.76 -1.85 -24.50
C PHE A 287 1.02 -0.48 -23.87
N ALA A 288 2.29 -0.17 -23.62
CA ALA A 288 2.62 1.14 -23.04
C ALA A 288 2.14 2.23 -23.97
N LYS A 289 2.29 2.01 -25.27
CA LYS A 289 1.85 2.99 -26.25
C LYS A 289 0.34 3.20 -26.14
N LYS A 290 -0.42 2.11 -26.07
CA LYS A 290 -1.87 2.22 -25.96
C LYS A 290 -2.33 2.72 -24.57
N MSE A 291 -1.46 2.64 -23.57
CA MSE A 291 -1.83 3.11 -22.24
C MSE A 291 -1.74 4.63 -22.15
O MSE A 291 -2.38 5.22 -21.27
CB MSE A 291 -0.91 2.49 -21.19
CG MSE A 291 -1.18 1.05 -20.95
SE MSE A 291 0.28 0.21 -20.05
CE MSE A 291 0.05 1.02 -18.30
N GLY A 292 -0.96 5.24 -23.05
CA GLY A 292 -0.77 6.66 -23.05
C GLY A 292 0.63 7.18 -23.39
N LEU A 293 1.65 6.32 -23.31
CA LEU A 293 3.03 6.71 -23.63
C LEU A 293 3.06 7.33 -25.03
N PRO A 294 3.32 8.64 -25.12
CA PRO A 294 3.37 9.36 -26.39
C PRO A 294 4.61 9.13 -27.25
N ILE A 295 4.82 7.90 -27.66
CA ILE A 295 5.97 7.54 -28.46
C ILE A 295 5.66 7.31 -29.95
N GLU A 296 6.72 7.37 -30.75
CA GLU A 296 6.65 7.16 -32.19
C GLU A 296 6.29 5.69 -32.47
N LYS A 297 6.27 5.32 -33.75
CA LYS A 297 5.96 3.93 -34.11
C LYS A 297 7.05 3.04 -33.57
N LEU A 298 6.62 1.90 -33.04
CA LEU A 298 7.54 0.91 -32.50
C LEU A 298 8.22 0.27 -33.69
N ALA A 299 9.55 0.15 -33.61
CA ALA A 299 10.34 -0.44 -34.70
C ALA A 299 10.70 -1.88 -34.42
N ILE A 300 10.21 -2.78 -35.26
CA ILE A 300 10.52 -4.19 -35.11
C ILE A 300 11.80 -4.46 -35.93
N ALA A 301 12.84 -4.93 -35.27
CA ALA A 301 14.10 -5.25 -35.95
C ALA A 301 14.24 -6.78 -35.93
N THR A 302 14.47 -7.38 -37.08
CA THR A 302 14.59 -8.83 -37.13
C THR A 302 15.84 -9.24 -37.89
N ASN A 303 16.24 -10.50 -37.76
CA ASN A 303 17.37 -10.95 -38.53
C ASN A 303 16.84 -11.60 -39.80
N GLU A 304 17.58 -12.51 -40.40
CA GLU A 304 17.09 -13.11 -41.61
C GLU A 304 15.75 -13.81 -41.49
N ASN A 305 15.42 -14.29 -40.29
CA ASN A 305 14.13 -14.94 -40.09
C ASN A 305 13.13 -13.80 -39.94
N ASP A 306 12.70 -13.28 -41.08
CA ASP A 306 11.81 -12.14 -41.16
C ASP A 306 10.31 -12.36 -41.31
N ILE A 307 9.76 -13.39 -40.68
CA ILE A 307 8.33 -13.61 -40.80
C ILE A 307 7.57 -12.31 -40.50
N LEU A 308 7.98 -11.61 -39.46
CA LEU A 308 7.33 -10.37 -39.11
C LEU A 308 7.51 -9.25 -40.15
N ASP A 309 8.73 -9.07 -40.64
CA ASP A 309 8.95 -8.01 -41.61
C ASP A 309 8.15 -8.24 -42.88
N ARG A 310 7.99 -9.51 -43.25
CA ARG A 310 7.23 -9.82 -44.45
C ARG A 310 5.76 -9.54 -44.22
N PHE A 311 5.24 -9.97 -43.07
CA PHE A 311 3.83 -9.74 -42.76
C PHE A 311 3.50 -8.27 -42.80
N LEU A 312 4.24 -7.48 -42.04
CA LEU A 312 4.00 -6.05 -41.96
C LEU A 312 4.10 -5.39 -43.32
N LYS A 313 4.56 -6.13 -44.32
CA LYS A 313 4.73 -5.56 -45.65
C LYS A 313 3.71 -6.05 -46.68
N SER A 314 3.13 -7.23 -46.42
CA SER A 314 2.18 -7.82 -47.33
C SER A 314 0.84 -8.22 -46.73
N GLY A 315 0.84 -8.57 -45.46
CA GLY A 315 -0.39 -9.00 -44.83
C GLY A 315 -0.41 -10.50 -44.94
N LEU A 316 0.72 -11.05 -45.38
CA LEU A 316 0.87 -12.49 -45.53
C LEU A 316 1.78 -13.06 -44.43
N TYR A 317 1.16 -13.73 -43.47
CA TYR A 317 1.89 -14.33 -42.35
C TYR A 317 2.16 -15.77 -42.75
N GLU A 318 3.29 -15.97 -43.40
CA GLU A 318 3.66 -17.30 -43.87
C GLU A 318 4.91 -17.85 -43.17
N ARG A 319 4.80 -19.07 -42.65
CA ARG A 319 5.91 -19.71 -41.97
C ARG A 319 6.89 -20.22 -43.02
N SER A 320 8.18 -19.99 -42.78
CA SER A 320 9.21 -20.47 -43.71
C SER A 320 9.41 -21.95 -43.45
N ASP A 321 10.15 -22.59 -44.34
CA ASP A 321 10.44 -24.02 -44.22
C ASP A 321 11.77 -24.17 -43.49
N LYS A 322 12.71 -23.31 -43.88
CA LYS A 322 14.06 -23.29 -43.30
C LYS A 322 14.26 -22.17 -42.29
N VAL A 323 14.92 -22.50 -41.19
CA VAL A 323 15.24 -21.54 -40.14
C VAL A 323 16.65 -21.10 -40.44
N ALA A 324 16.80 -20.02 -41.20
CA ALA A 324 18.12 -19.50 -41.57
C ALA A 324 18.96 -19.30 -40.32
N ALA A 325 20.24 -19.65 -40.42
CA ALA A 325 21.17 -19.49 -39.31
C ALA A 325 21.59 -18.03 -39.34
N THR A 326 21.79 -17.45 -38.17
CA THR A 326 22.20 -16.06 -38.11
C THR A 326 23.13 -15.84 -36.94
N LEU A 327 23.66 -14.63 -36.85
CA LEU A 327 24.55 -14.25 -35.77
C LEU A 327 23.74 -13.95 -34.53
N SER A 328 22.43 -13.83 -34.69
CA SER A 328 21.55 -13.56 -33.55
C SER A 328 20.54 -14.70 -33.30
N PRO A 329 21.07 -15.91 -33.01
CA PRO A 329 20.29 -17.12 -32.75
C PRO A 329 18.98 -17.00 -31.95
N ALA A 330 18.96 -16.22 -30.88
CA ALA A 330 17.74 -16.10 -30.06
C ALA A 330 16.52 -15.48 -30.76
N MSE A 331 16.69 -15.03 -32.00
CA MSE A 331 15.58 -14.44 -32.74
C MSE A 331 15.26 -15.31 -33.94
O MSE A 331 14.35 -15.04 -34.70
CB MSE A 331 15.94 -13.04 -33.21
CG MSE A 331 15.97 -12.02 -32.09
SE MSE A 331 17.10 -10.56 -32.56
CE MSE A 331 16.31 -10.09 -34.27
N ASP A 332 16.05 -16.38 -34.10
CA ASP A 332 15.88 -17.34 -35.19
C ASP A 332 14.63 -18.16 -34.97
N ILE A 333 13.49 -17.63 -35.40
CA ILE A 333 12.20 -18.30 -35.19
C ILE A 333 11.40 -18.49 -36.48
N LEU A 334 10.49 -19.46 -36.50
CA LEU A 334 9.64 -19.68 -37.67
C LEU A 334 8.35 -18.88 -37.57
N ILE A 335 7.79 -18.83 -36.35
CA ILE A 335 6.55 -18.07 -36.08
C ILE A 335 6.65 -17.32 -34.76
N SER A 336 6.42 -16.02 -34.81
CA SER A 336 6.48 -15.14 -33.64
C SER A 336 5.26 -15.32 -32.75
N SER A 337 5.35 -16.25 -31.79
CA SER A 337 4.24 -16.58 -30.89
C SER A 337 3.32 -15.49 -30.32
N ASN A 338 3.87 -14.42 -29.75
CA ASN A 338 3.03 -13.36 -29.19
C ASN A 338 2.38 -12.47 -30.21
N PHE A 339 2.83 -12.57 -31.44
CA PHE A 339 2.25 -11.74 -32.48
C PHE A 339 0.74 -11.87 -32.50
N GLU A 340 0.26 -13.05 -32.16
CA GLU A 340 -1.16 -13.32 -32.14
C GLU A 340 -1.85 -12.28 -31.29
N ARG A 341 -1.28 -11.99 -30.10
CA ARG A 341 -1.89 -10.98 -29.23
C ARG A 341 -2.16 -9.67 -29.97
N LEU A 342 -1.19 -9.19 -30.76
CA LEU A 342 -1.40 -7.95 -31.50
C LEU A 342 -2.56 -8.13 -32.48
N LEU A 343 -2.55 -9.26 -33.19
CA LEU A 343 -3.59 -9.56 -34.16
C LEU A 343 -4.99 -9.49 -33.54
N TRP A 344 -5.11 -9.90 -32.29
CA TRP A 344 -6.41 -9.84 -31.65
C TRP A 344 -6.89 -8.39 -31.54
N TYR A 345 -6.05 -7.51 -31.03
CA TYR A 345 -6.43 -6.13 -30.92
C TYR A 345 -6.67 -5.52 -32.28
N LEU A 346 -5.89 -5.92 -33.27
CA LEU A 346 -6.06 -5.37 -34.60
C LEU A 346 -7.43 -5.83 -35.12
N ALA A 347 -7.67 -7.13 -35.08
CA ALA A 347 -8.94 -7.68 -35.56
C ALA A 347 -10.11 -7.04 -34.84
N ARG A 348 -9.98 -6.85 -33.54
CA ARG A 348 -11.07 -6.25 -32.79
C ARG A 348 -11.41 -4.84 -33.24
N GLU A 349 -10.39 -4.04 -33.55
CA GLU A 349 -10.66 -2.66 -33.96
C GLU A 349 -11.07 -2.52 -35.43
N TYR A 350 -10.48 -3.32 -36.31
CA TYR A 350 -10.78 -3.19 -37.73
C TYR A 350 -11.64 -4.24 -38.43
N LEU A 351 -12.09 -5.25 -37.70
CA LEU A 351 -12.91 -6.27 -38.34
C LEU A 351 -14.08 -6.72 -37.49
N ALA A 352 -14.03 -6.42 -36.19
CA ALA A 352 -15.09 -6.85 -35.30
C ALA A 352 -15.82 -5.68 -34.66
N ASN A 353 -15.55 -4.48 -35.17
CA ASN A 353 -16.17 -3.27 -34.65
C ASN A 353 -16.23 -3.27 -33.12
N GLY A 354 -15.16 -3.71 -32.48
CA GLY A 354 -15.14 -3.71 -31.04
C GLY A 354 -15.62 -4.96 -30.36
N ASP A 355 -16.21 -5.88 -31.11
CA ASP A 355 -16.73 -7.12 -30.54
C ASP A 355 -15.61 -8.08 -30.13
N ASP A 356 -15.35 -8.18 -28.83
CA ASP A 356 -14.32 -9.07 -28.31
C ASP A 356 -14.50 -10.50 -28.84
N LEU A 357 -15.75 -10.97 -28.83
CA LEU A 357 -16.08 -12.33 -29.28
C LEU A 357 -15.89 -12.60 -30.77
N LYS A 358 -16.16 -11.64 -31.63
CA LYS A 358 -15.97 -11.90 -33.05
C LYS A 358 -14.49 -11.86 -33.33
N ALA A 359 -13.76 -11.18 -32.45
CA ALA A 359 -12.30 -11.07 -32.58
C ALA A 359 -11.69 -12.45 -32.32
N GLY A 360 -12.21 -13.16 -31.33
CA GLY A 360 -11.73 -14.50 -31.03
C GLY A 360 -11.99 -15.44 -32.22
N GLU A 361 -13.18 -15.33 -32.79
CA GLU A 361 -13.60 -16.13 -33.94
C GLU A 361 -12.60 -15.88 -35.06
N ILE A 362 -12.38 -14.61 -35.39
CA ILE A 362 -11.47 -14.20 -36.46
C ILE A 362 -10.02 -14.66 -36.29
N VAL A 363 -9.49 -14.48 -35.09
CA VAL A 363 -8.12 -14.87 -34.80
C VAL A 363 -8.01 -16.39 -34.84
N ASN A 364 -8.98 -17.08 -34.23
CA ASN A 364 -8.96 -18.53 -34.23
C ASN A 364 -8.98 -19.12 -35.63
N ASN A 365 -9.72 -18.49 -36.56
CA ASN A 365 -9.74 -19.01 -37.92
C ASN A 365 -8.41 -18.77 -38.61
N TRP A 366 -7.76 -17.64 -38.31
CA TRP A 366 -6.48 -17.32 -38.91
C TRP A 366 -5.38 -18.31 -38.49
N PHE A 367 -5.33 -18.65 -37.21
CA PHE A 367 -4.31 -19.57 -36.76
C PHE A 367 -4.65 -21.00 -37.12
N GLN A 368 -5.88 -21.18 -37.62
CA GLN A 368 -6.32 -22.48 -38.09
C GLN A 368 -5.77 -22.60 -39.51
N GLU A 369 -5.97 -21.57 -40.33
CA GLU A 369 -5.46 -21.59 -41.71
C GLU A 369 -3.95 -21.86 -41.67
N LEU A 370 -3.30 -21.41 -40.59
CA LEU A 370 -1.86 -21.58 -40.43
C LEU A 370 -1.50 -23.04 -40.27
N LYS A 371 -2.25 -23.69 -39.40
CA LYS A 371 -2.06 -25.10 -39.11
C LYS A 371 -2.75 -25.91 -40.23
N THR A 372 -2.67 -25.43 -41.47
CA THR A 372 -3.28 -26.13 -42.59
C THR A 372 -2.65 -25.74 -43.93
N ASN A 373 -2.39 -24.46 -44.10
CA ASN A 373 -1.79 -23.97 -45.33
C ASN A 373 -0.47 -23.30 -44.98
N GLY A 374 -0.14 -23.32 -43.69
CA GLY A 374 1.08 -22.72 -43.17
C GLY A 374 1.20 -21.26 -43.59
N LYS A 375 0.07 -20.58 -43.70
CA LYS A 375 0.05 -19.19 -44.13
C LYS A 375 -1.37 -18.66 -44.22
N PHE A 376 -1.59 -17.40 -43.84
CA PHE A 376 -2.91 -16.81 -43.95
C PHE A 376 -2.81 -15.34 -44.37
N GLN A 377 -3.81 -14.89 -45.11
CA GLN A 377 -3.84 -13.51 -45.59
C GLN A 377 -4.80 -12.66 -44.76
N VAL A 378 -4.40 -11.42 -44.47
CA VAL A 378 -5.28 -10.55 -43.69
C VAL A 378 -5.71 -9.38 -44.57
N ASP A 379 -6.86 -8.79 -44.25
CA ASP A 379 -7.42 -7.67 -44.99
C ASP A 379 -6.52 -6.46 -44.84
N LYS A 380 -6.38 -5.71 -45.92
CA LYS A 380 -5.55 -4.51 -45.93
C LYS A 380 -5.76 -3.63 -44.70
N SER A 381 -6.97 -3.66 -44.13
CA SER A 381 -7.27 -2.84 -42.96
C SER A 381 -6.46 -3.28 -41.74
N ILE A 382 -6.01 -4.53 -41.75
CA ILE A 382 -5.22 -5.07 -40.66
C ILE A 382 -3.80 -4.55 -40.70
N ILE A 383 -3.17 -4.66 -41.87
CA ILE A 383 -1.82 -4.19 -42.03
C ILE A 383 -1.76 -2.68 -42.00
N GLU A 384 -2.86 -2.03 -42.37
CA GLU A 384 -2.89 -0.57 -42.36
C GLU A 384 -2.98 -0.13 -40.91
N GLY A 385 -3.72 -0.92 -40.12
CA GLY A 385 -3.91 -0.62 -38.72
C GLY A 385 -2.64 -0.84 -37.92
N ALA A 386 -1.88 -1.85 -38.32
CA ALA A 386 -0.64 -2.18 -37.65
C ALA A 386 0.43 -1.13 -37.99
N SER A 387 0.39 -0.63 -39.22
CA SER A 387 1.38 0.35 -39.64
C SER A 387 1.20 1.70 -38.98
N LYS A 388 0.16 1.84 -38.16
CA LYS A 388 -0.01 3.11 -37.48
C LYS A 388 0.85 3.08 -36.22
N ASP A 389 1.18 1.87 -35.77
CA ASP A 389 2.00 1.74 -34.58
C ASP A 389 3.32 1.01 -34.77
N PHE A 390 3.49 0.33 -35.90
CA PHE A 390 4.71 -0.42 -36.13
C PHE A 390 5.42 -0.15 -37.45
N THR A 391 6.75 -0.24 -37.38
CA THR A 391 7.65 -0.11 -38.53
C THR A 391 8.53 -1.34 -38.35
N SER A 392 9.20 -1.79 -39.40
CA SER A 392 10.07 -2.97 -39.27
C SER A 392 11.28 -2.90 -40.20
N GLU A 393 12.35 -3.60 -39.82
CA GLU A 393 13.58 -3.64 -40.58
C GLU A 393 14.17 -5.04 -40.50
N ARG A 394 14.71 -5.52 -41.61
CA ARG A 394 15.33 -6.83 -41.65
C ARG A 394 16.81 -6.55 -41.68
N VAL A 395 17.56 -7.23 -40.82
CA VAL A 395 19.01 -7.02 -40.74
C VAL A 395 19.73 -8.32 -41.06
N SER A 396 20.58 -8.29 -42.07
CA SER A 396 21.33 -9.49 -42.49
C SER A 396 22.51 -9.73 -41.55
N ASN A 397 23.16 -10.89 -41.70
CA ASN A 397 24.30 -11.22 -40.87
C ASN A 397 25.47 -10.28 -41.12
N GLU A 398 25.73 -9.97 -42.39
CA GLU A 398 26.81 -9.08 -42.77
C GLU A 398 26.62 -7.76 -42.03
N GLU A 399 25.42 -7.22 -42.12
CA GLU A 399 25.09 -5.97 -41.48
C GLU A 399 25.13 -6.09 -39.97
N THR A 400 24.81 -7.27 -39.47
CA THR A 400 24.85 -7.46 -38.02
C THR A 400 26.29 -7.30 -37.56
N SER A 401 27.19 -8.06 -38.16
CA SER A 401 28.60 -7.96 -37.79
C SER A 401 29.16 -6.58 -38.03
N GLU A 402 28.84 -5.97 -39.16
CA GLU A 402 29.36 -4.65 -39.44
C GLU A 402 28.89 -3.59 -38.47
N THR A 403 27.70 -3.77 -37.89
CA THR A 403 27.19 -2.80 -36.94
C THR A 403 27.98 -2.90 -35.63
N ILE A 404 28.38 -4.12 -35.25
CA ILE A 404 29.15 -4.32 -34.05
C ILE A 404 30.46 -3.57 -34.21
N LYS A 405 31.06 -3.68 -35.40
CA LYS A 405 32.32 -3.02 -35.71
C LYS A 405 32.17 -1.48 -35.78
N LYS A 406 31.11 -1.03 -36.42
CA LYS A 406 30.83 0.40 -36.58
C LYS A 406 30.67 1.09 -35.24
N ILE A 407 29.88 0.49 -34.36
CA ILE A 407 29.66 1.11 -33.06
C ILE A 407 30.93 1.09 -32.22
N TYR A 408 31.73 0.04 -32.36
CA TYR A 408 32.98 -0.04 -31.59
C TYR A 408 33.87 1.15 -31.91
N GLU A 409 33.98 1.47 -33.20
CA GLU A 409 34.80 2.59 -33.64
C GLU A 409 34.08 3.90 -33.36
N SER A 410 32.84 3.95 -33.81
CA SER A 410 31.98 5.12 -33.68
C SER A 410 31.59 5.58 -32.26
N SER A 411 31.43 4.65 -31.32
CA SER A 411 31.03 5.05 -29.97
C SER A 411 31.86 6.16 -29.35
N VAL A 412 31.22 6.94 -28.49
CA VAL A 412 31.85 8.08 -27.81
C VAL A 412 31.60 8.06 -26.29
N ASN A 413 30.38 7.72 -25.88
CA ASN A 413 29.99 7.66 -24.46
C ASN A 413 29.35 6.30 -24.21
N PRO A 414 30.15 5.28 -23.90
CA PRO A 414 31.60 5.35 -23.76
C PRO A 414 32.30 4.97 -25.06
N LYS A 415 33.62 5.13 -25.05
CA LYS A 415 34.45 4.80 -26.19
C LYS A 415 34.58 3.29 -26.25
N HIS A 416 34.58 2.75 -27.45
CA HIS A 416 34.68 1.31 -27.63
C HIS A 416 33.60 0.51 -26.97
N TYR A 417 32.36 0.93 -27.21
CA TYR A 417 31.19 0.28 -26.67
C TYR A 417 30.96 -0.98 -27.50
N ILE A 418 30.92 -2.14 -26.84
CA ILE A 418 30.74 -3.40 -27.55
C ILE A 418 29.29 -3.89 -27.53
N LEU A 419 28.79 -4.28 -28.70
CA LEU A 419 27.43 -4.77 -28.81
C LEU A 419 27.37 -6.27 -29.03
N ASP A 420 26.40 -6.93 -28.43
CA ASP A 420 26.18 -8.35 -28.67
C ASP A 420 25.46 -8.33 -30.04
N PRO A 421 25.48 -9.42 -30.77
CA PRO A 421 24.81 -9.45 -32.07
C PRO A 421 23.29 -9.13 -32.11
N HIS A 422 22.54 -9.56 -31.08
CA HIS A 422 21.10 -9.29 -31.02
C HIS A 422 20.84 -7.78 -30.90
N THR A 423 21.62 -7.11 -30.06
CA THR A 423 21.50 -5.67 -29.87
C THR A 423 21.89 -5.02 -31.20
N ALA A 424 22.92 -5.58 -31.83
CA ALA A 424 23.44 -5.07 -33.10
C ALA A 424 22.32 -5.02 -34.11
N VAL A 425 21.59 -6.11 -34.23
CA VAL A 425 20.48 -6.16 -35.18
C VAL A 425 19.62 -4.95 -34.93
N GLY A 426 19.44 -4.65 -33.65
CA GLY A 426 18.62 -3.50 -33.29
C GLY A 426 19.23 -2.16 -33.58
N VAL A 427 20.54 -2.01 -33.33
CA VAL A 427 21.18 -0.73 -33.56
C VAL A 427 21.27 -0.48 -35.04
N CYS A 428 21.42 -1.56 -35.80
CA CYS A 428 21.49 -1.45 -37.25
C CYS A 428 20.17 -0.83 -37.74
N ALA A 429 19.06 -1.39 -37.28
CA ALA A 429 17.76 -0.86 -37.66
C ALA A 429 17.63 0.55 -37.12
N THR A 430 18.07 0.78 -35.90
CA THR A 430 17.99 2.11 -35.29
C THR A 430 18.70 3.13 -36.18
N GLU A 431 19.86 2.77 -36.70
CA GLU A 431 20.60 3.69 -37.54
C GLU A 431 19.94 3.91 -38.89
N ARG A 432 19.35 2.85 -39.46
CA ARG A 432 18.67 3.05 -40.73
C ARG A 432 17.57 4.09 -40.53
N LEU A 433 16.92 4.04 -39.35
CA LEU A 433 15.81 4.94 -39.01
C LEU A 433 16.26 6.38 -38.83
N ILE A 434 17.39 6.57 -38.14
CA ILE A 434 17.91 7.90 -37.93
C ILE A 434 18.13 8.53 -39.29
N ALA A 435 18.64 7.74 -40.21
CA ALA A 435 18.91 8.20 -41.57
C ALA A 435 17.68 8.70 -42.31
N LYS A 436 16.63 7.88 -42.34
CA LYS A 436 15.43 8.25 -43.07
C LYS A 436 14.30 8.94 -42.30
N ASP A 437 14.44 9.09 -41.00
CA ASP A 437 13.38 9.73 -40.24
C ASP A 437 13.40 11.24 -40.46
N ASN A 438 14.57 11.76 -40.79
CA ASN A 438 14.76 13.18 -41.06
C ASN A 438 14.41 14.03 -39.86
N ASP A 439 14.65 13.52 -38.66
CA ASP A 439 14.38 14.30 -37.45
C ASP A 439 15.28 13.85 -36.33
N LYS A 440 16.47 14.44 -36.29
CA LYS A 440 17.43 14.05 -35.27
C LYS A 440 17.04 14.51 -33.89
N SER A 441 15.94 15.24 -33.75
CA SER A 441 15.54 15.64 -32.42
C SER A 441 14.94 14.38 -31.74
N ILE A 442 14.49 13.42 -32.54
CA ILE A 442 13.92 12.21 -31.98
C ILE A 442 14.95 11.46 -31.12
N GLN A 443 14.49 10.97 -29.98
CA GLN A 443 15.33 10.21 -29.05
C GLN A 443 15.22 8.74 -29.41
N TYR A 444 16.28 8.13 -29.93
CA TYR A 444 16.19 6.72 -30.28
C TYR A 444 16.68 5.84 -29.15
N ILE A 445 15.83 4.91 -28.72
CA ILE A 445 16.18 3.98 -27.66
C ILE A 445 16.18 2.60 -28.26
N SER A 446 17.38 2.06 -28.43
CA SER A 446 17.59 0.72 -28.99
C SER A 446 17.80 -0.29 -27.85
N LEU A 447 17.04 -1.38 -27.84
CA LEU A 447 17.12 -2.37 -26.77
C LEU A 447 18.28 -3.37 -26.84
N SER A 448 19.08 -3.39 -25.77
CA SER A 448 20.20 -4.30 -25.72
C SER A 448 19.73 -5.49 -24.88
N THR A 449 19.47 -6.59 -25.57
CA THR A 449 18.94 -7.80 -24.98
C THR A 449 19.92 -8.79 -24.42
N ALA A 450 21.20 -8.62 -24.73
CA ALA A 450 22.20 -9.55 -24.23
C ALA A 450 23.55 -8.89 -24.06
N HIS A 451 24.22 -9.28 -22.98
CA HIS A 451 25.55 -8.77 -22.68
C HIS A 451 26.47 -9.42 -23.73
N PRO A 452 27.45 -8.67 -24.24
CA PRO A 452 28.37 -9.22 -25.24
C PRO A 452 29.00 -10.57 -24.89
N ALA A 453 29.22 -10.82 -23.60
CA ALA A 453 29.85 -12.07 -23.19
C ALA A 453 29.05 -13.31 -23.50
N LYS A 454 27.75 -13.15 -23.73
CA LYS A 454 26.87 -14.28 -24.02
C LYS A 454 27.05 -14.78 -25.45
N PHE A 455 27.67 -13.98 -26.29
CA PHE A 455 27.88 -14.36 -27.69
C PHE A 455 29.25 -13.87 -28.14
N ALA A 456 30.28 -14.52 -27.61
CA ALA A 456 31.67 -14.17 -27.92
C ALA A 456 32.00 -14.25 -29.38
N ASP A 457 31.71 -15.38 -30.01
CA ASP A 457 32.01 -15.59 -31.41
C ASP A 457 31.69 -14.42 -32.34
N ALA A 458 30.45 -13.97 -32.29
CA ALA A 458 30.04 -12.83 -33.13
C ALA A 458 30.87 -11.59 -32.79
N VAL A 459 31.00 -11.32 -31.50
CA VAL A 459 31.77 -10.16 -31.04
C VAL A 459 33.25 -10.30 -31.44
N ASN A 460 33.84 -11.46 -31.16
CA ASN A 460 35.22 -11.68 -31.52
C ASN A 460 35.47 -11.55 -33.02
N ASN A 461 34.71 -12.28 -33.81
CA ASN A 461 34.89 -12.25 -35.26
C ASN A 461 34.69 -10.89 -35.88
N ALA A 462 34.03 -9.99 -35.16
CA ALA A 462 33.79 -8.66 -35.71
C ALA A 462 34.85 -7.68 -35.20
N LEU A 463 35.41 -7.97 -34.02
CA LEU A 463 36.41 -7.08 -33.42
C LEU A 463 37.83 -7.61 -33.45
N SER A 464 38.05 -8.66 -34.24
CA SER A 464 39.37 -9.25 -34.39
C SER A 464 40.26 -8.23 -35.07
N GLY A 465 39.65 -7.41 -35.94
CA GLY A 465 40.39 -6.40 -36.67
C GLY A 465 40.88 -5.19 -35.91
N PHE A 466 40.95 -5.29 -34.58
CA PHE A 466 41.44 -4.18 -33.76
C PHE A 466 42.49 -4.68 -32.78
N SER A 467 43.65 -4.03 -32.81
CA SER A 467 44.75 -4.43 -31.95
C SER A 467 44.47 -4.23 -30.47
N ASN A 468 43.61 -3.28 -30.15
CA ASN A 468 43.27 -3.02 -28.74
C ASN A 468 42.28 -4.02 -28.15
N TYR A 469 41.41 -4.57 -29.00
CA TYR A 469 40.40 -5.53 -28.53
C TYR A 469 40.94 -6.78 -27.86
N SER A 470 40.27 -7.16 -26.77
CA SER A 470 40.61 -8.34 -25.99
C SER A 470 39.35 -8.81 -25.26
N PHE A 471 38.75 -9.89 -25.75
CA PHE A 471 37.54 -10.42 -25.15
C PHE A 471 37.66 -10.47 -23.63
N GLU A 472 38.75 -11.05 -23.16
CA GLU A 472 38.99 -11.22 -21.73
C GLU A 472 39.16 -9.92 -20.97
N LYS A 473 39.68 -8.89 -21.63
CA LYS A 473 39.89 -7.62 -20.95
C LYS A 473 38.73 -6.64 -21.07
N ASP A 474 38.05 -6.67 -22.21
CA ASP A 474 36.96 -5.73 -22.42
C ASP A 474 35.55 -6.28 -22.35
N VAL A 475 35.40 -7.60 -22.40
CA VAL A 475 34.06 -8.17 -22.39
C VAL A 475 33.71 -9.10 -21.24
N LEU A 476 34.40 -10.23 -21.17
CA LEU A 476 34.13 -11.21 -20.14
C LEU A 476 34.07 -10.61 -18.74
N PRO A 477 32.90 -10.69 -18.10
CA PRO A 477 32.73 -10.16 -16.75
C PRO A 477 33.34 -11.11 -15.71
N GLU A 478 33.96 -10.53 -14.70
CA GLU A 478 34.60 -11.27 -13.64
C GLU A 478 33.64 -12.35 -13.13
N GLU A 479 32.45 -11.94 -12.75
CA GLU A 479 31.45 -12.89 -12.25
C GLU A 479 31.21 -14.02 -13.25
N LEU A 480 31.38 -13.76 -14.54
CA LEU A 480 31.17 -14.79 -15.55
C LEU A 480 32.44 -15.63 -15.79
N LYS A 481 33.58 -15.12 -15.32
CA LYS A 481 34.86 -15.81 -15.46
C LYS A 481 34.97 -16.98 -14.49
N LYS A 482 34.31 -16.85 -13.34
CA LYS A 482 34.33 -17.89 -12.30
C LYS A 482 33.59 -19.14 -12.75
N LEU A 483 32.61 -18.98 -13.63
CA LEU A 483 31.80 -20.09 -14.08
C LEU A 483 32.53 -21.36 -14.51
N SER A 484 33.44 -21.25 -15.48
CA SER A 484 34.19 -22.41 -15.95
C SER A 484 34.96 -23.12 -14.83
N THR A 485 35.05 -22.45 -13.67
CA THR A 485 35.76 -22.99 -12.51
C THR A 485 34.85 -23.45 -11.37
N LEU A 486 33.54 -23.45 -11.60
CA LEU A 486 32.62 -23.90 -10.58
C LEU A 486 32.16 -25.31 -10.92
N LYS A 487 31.75 -26.04 -9.89
CA LYS A 487 31.30 -27.42 -10.04
C LYS A 487 30.00 -27.54 -10.81
N LYS A 488 30.05 -28.30 -11.92
CA LYS A 488 28.87 -28.50 -12.76
C LYS A 488 28.05 -29.66 -12.21
N LYS A 489 26.74 -29.61 -12.43
CA LYS A 489 25.84 -30.66 -11.98
C LYS A 489 25.20 -31.33 -13.18
N LEU A 490 26.02 -31.84 -14.09
CA LEU A 490 25.50 -32.49 -15.29
C LEU A 490 24.71 -33.77 -14.96
N LYS A 491 24.17 -34.40 -15.99
CA LYS A 491 23.37 -35.62 -15.86
C LYS A 491 22.95 -36.03 -17.27
N PHE A 492 23.78 -36.81 -17.93
CA PHE A 492 23.51 -37.25 -19.30
C PHE A 492 22.42 -38.28 -19.43
N ILE A 493 21.76 -38.25 -20.58
CA ILE A 493 20.71 -39.19 -20.91
C ILE A 493 21.02 -39.58 -22.33
N GLU A 494 21.65 -40.74 -22.50
CA GLU A 494 21.99 -41.23 -23.84
C GLU A 494 20.76 -41.68 -24.61
N ARG A 495 20.73 -41.37 -25.89
CA ARG A 495 19.59 -41.70 -26.75
C ARG A 495 18.36 -40.90 -26.33
N ALA A 496 17.64 -40.37 -27.30
CA ALA A 496 16.44 -39.59 -27.03
C ALA A 496 15.32 -40.49 -26.48
N ASP A 497 15.57 -41.12 -25.33
CA ASP A 497 14.59 -42.01 -24.72
C ASP A 497 13.59 -41.28 -23.82
N VAL A 498 12.41 -41.01 -24.36
CA VAL A 498 11.35 -40.34 -23.63
C VAL A 498 11.14 -41.09 -22.32
N GLU A 499 11.25 -42.41 -22.38
CA GLU A 499 11.08 -43.27 -21.22
C GLU A 499 12.12 -42.89 -20.16
N LEU A 500 13.36 -42.66 -20.61
CA LEU A 500 14.46 -42.28 -19.72
C LEU A 500 14.29 -40.87 -19.15
N VAL A 501 13.96 -39.91 -20.02
CA VAL A 501 13.77 -38.54 -19.57
C VAL A 501 12.81 -38.59 -18.39
N LYS A 502 11.80 -39.45 -18.51
CA LYS A 502 10.80 -39.65 -17.46
C LYS A 502 11.46 -40.09 -16.16
N ASN A 503 12.21 -41.20 -16.26
CA ASN A 503 12.90 -41.81 -15.12
C ASN A 503 13.80 -40.86 -14.34
N ALA A 504 14.62 -40.08 -15.08
CA ALA A 504 15.53 -39.14 -14.44
C ALA A 504 14.72 -38.11 -13.66
N ILE A 505 13.64 -37.62 -14.27
CA ILE A 505 12.77 -36.64 -13.63
C ILE A 505 12.29 -37.20 -12.30
N GLU A 506 11.94 -38.48 -12.32
CA GLU A 506 11.43 -39.16 -11.14
C GLU A 506 12.43 -39.12 -9.98
N GLU A 507 13.72 -39.18 -10.31
CA GLU A 507 14.74 -39.12 -9.29
C GLU A 507 14.92 -37.66 -8.86
N GLU A 508 14.14 -37.30 -7.86
CA GLU A 508 14.15 -35.96 -7.27
C GLU A 508 14.56 -36.23 -5.84
N LEU A 509 14.88 -37.50 -5.61
CA LEU A 509 15.31 -38.03 -4.33
C LEU A 509 14.37 -37.63 -3.20
N ALA A 510 13.09 -37.51 -3.52
CA ALA A 510 12.06 -37.13 -2.55
C ALA A 510 12.25 -35.68 -2.09
N LYS A 511 13.48 -35.35 -1.75
CA LYS A 511 13.85 -34.01 -1.31
C LYS A 511 14.21 -33.12 -2.50
N MSE A 512 13.20 -32.67 -3.24
CA MSE A 512 13.43 -31.79 -4.39
C MSE A 512 13.28 -30.31 -4.04
O MSE A 512 12.24 -29.71 -4.43
CB MSE A 512 12.49 -32.15 -5.55
CG MSE A 512 12.69 -31.29 -6.82
SE MSE A 512 14.15 -31.79 -8.01
CE MSE A 512 15.63 -31.81 -6.73
N PRO B 2 2.90 -10.08 14.51
CA PRO B 2 2.89 -8.87 15.34
C PRO B 2 4.22 -8.69 16.08
N ASN B 3 4.64 -7.44 16.23
CA ASN B 3 5.85 -7.13 16.95
C ASN B 3 5.44 -6.62 18.35
N ALA B 4 6.39 -6.13 19.13
CA ALA B 4 6.12 -5.67 20.48
C ALA B 4 5.21 -4.44 20.55
N SER B 5 4.94 -3.85 19.40
CA SER B 5 4.07 -2.68 19.37
C SER B 5 2.66 -3.03 18.90
N GLN B 6 2.48 -4.26 18.41
CA GLN B 6 1.19 -4.69 17.87
C GLN B 6 0.54 -5.75 18.75
N VAL B 7 1.00 -5.78 20.00
CA VAL B 7 0.54 -6.73 21.01
C VAL B 7 0.11 -5.91 22.20
N TYR B 8 -0.84 -6.39 22.99
CA TYR B 8 -1.33 -5.58 24.11
C TYR B 8 -1.52 -6.28 25.46
N ARG B 9 -1.38 -5.53 26.54
CA ARG B 9 -1.54 -6.07 27.89
C ARG B 9 -2.25 -5.05 28.81
N SER B 10 -2.87 -5.54 29.87
CA SER B 10 -3.56 -4.66 30.79
C SER B 10 -2.60 -3.98 31.73
N THR B 11 -2.83 -2.69 32.00
CA THR B 11 -1.94 -1.95 32.89
C THR B 11 -1.88 -2.58 34.25
N ARG B 12 -2.79 -3.51 34.54
CA ARG B 12 -2.81 -4.15 35.86
C ARG B 12 -2.40 -5.62 35.89
N SER B 13 -2.15 -6.20 34.72
CA SER B 13 -1.75 -7.60 34.58
C SER B 13 -0.32 -7.93 34.98
N SER B 14 -0.13 -9.10 35.59
CA SER B 14 1.21 -9.55 35.97
C SER B 14 1.54 -10.80 35.20
N SER B 15 0.70 -11.12 34.24
CA SER B 15 0.88 -12.30 33.42
C SER B 15 1.67 -12.00 32.15
N PRO B 16 2.50 -12.96 31.73
CA PRO B 16 3.32 -12.83 30.53
C PRO B 16 2.46 -12.73 29.27
N LYS B 17 1.21 -13.18 29.40
CA LYS B 17 0.30 -13.17 28.26
C LYS B 17 -0.04 -11.78 27.77
N THR B 18 -0.17 -11.67 26.45
CA THR B 18 -0.53 -10.43 25.80
C THR B 18 -1.58 -10.82 24.76
N ILE B 19 -2.50 -9.90 24.46
CA ILE B 19 -3.56 -10.18 23.48
C ILE B 19 -3.38 -9.39 22.19
N SER B 20 -4.24 -9.65 21.22
CA SER B 20 -4.15 -8.97 19.93
C SER B 20 -4.78 -7.59 19.93
N PHE B 21 -4.63 -6.86 18.83
CA PHE B 21 -5.21 -5.55 18.73
C PHE B 21 -6.72 -5.71 18.77
N GLU B 22 -7.23 -6.60 17.91
CA GLU B 22 -8.65 -6.87 17.81
C GLU B 22 -9.26 -7.18 19.17
N GLU B 23 -8.59 -8.04 19.92
CA GLU B 23 -9.06 -8.42 21.23
C GLU B 23 -9.07 -7.27 22.22
N ALA B 24 -8.04 -6.44 22.18
CA ALA B 24 -7.97 -5.30 23.08
C ALA B 24 -9.12 -4.36 22.76
N ILE B 25 -9.33 -4.13 21.46
CA ILE B 25 -10.37 -3.23 20.98
C ILE B 25 -11.78 -3.66 21.36
N ILE B 26 -12.10 -4.92 21.08
CA ILE B 26 -13.42 -5.44 21.39
C ILE B 26 -13.62 -5.58 22.90
N GLN B 27 -12.59 -6.02 23.59
CA GLN B 27 -12.73 -6.19 25.02
C GLN B 27 -12.93 -4.86 25.72
N GLY B 28 -12.31 -3.80 25.18
CA GLY B 28 -12.42 -2.48 25.78
C GLY B 28 -11.61 -2.32 27.07
N LEU B 29 -12.20 -2.72 28.19
CA LEU B 29 -11.53 -2.63 29.48
C LEU B 29 -11.04 -4.06 29.71
N ALA B 30 -9.96 -4.22 30.47
CA ALA B 30 -9.44 -5.56 30.73
C ALA B 30 -10.18 -6.22 31.85
N THR B 31 -10.22 -7.54 31.81
CA THR B 31 -10.89 -8.32 32.83
C THR B 31 -10.55 -7.88 34.25
N ASP B 32 -9.30 -7.52 34.49
CA ASP B 32 -8.88 -7.07 35.82
C ASP B 32 -9.02 -5.56 36.09
N GLY B 33 -9.72 -4.85 35.21
CA GLY B 33 -9.90 -3.41 35.43
C GLY B 33 -8.85 -2.47 34.87
N GLY B 34 -7.79 -3.06 34.30
CA GLY B 34 -6.72 -2.27 33.72
C GLY B 34 -7.05 -1.87 32.29
N LEU B 35 -6.15 -1.06 31.72
CA LEU B 35 -6.33 -0.60 30.36
C LEU B 35 -5.28 -1.25 29.47
N PHE B 36 -5.60 -1.39 28.20
CA PHE B 36 -4.66 -2.01 27.29
C PHE B 36 -3.67 -1.01 26.73
N ILE B 37 -2.44 -1.45 26.59
CA ILE B 37 -1.36 -0.62 26.08
C ILE B 37 -0.31 -1.50 25.43
N PRO B 38 0.39 -0.98 24.42
CA PRO B 38 1.43 -1.77 23.76
C PRO B 38 2.63 -1.78 24.69
N PRO B 39 3.13 -2.98 25.05
CA PRO B 39 4.29 -2.98 25.94
C PRO B 39 5.45 -2.18 25.37
N THR B 40 5.55 -2.08 24.07
CA THR B 40 6.65 -1.35 23.49
C THR B 40 6.16 -0.29 22.53
N ILE B 41 6.56 0.93 22.78
CA ILE B 41 6.17 2.06 21.95
C ILE B 41 7.03 2.10 20.70
N PRO B 42 6.39 1.97 19.53
CA PRO B 42 7.09 1.96 18.24
C PRO B 42 7.93 3.21 17.98
N GLN B 43 9.15 2.96 17.52
CA GLN B 43 10.12 3.99 17.23
C GLN B 43 10.17 4.38 15.77
N VAL B 44 10.04 5.67 15.49
CA VAL B 44 10.11 6.19 14.13
C VAL B 44 11.35 7.10 14.16
N ASP B 45 12.21 6.97 13.15
CA ASP B 45 13.41 7.78 13.14
C ASP B 45 13.20 9.14 12.49
N GLN B 46 14.02 10.11 12.88
CA GLN B 46 13.91 11.46 12.38
C GLN B 46 13.87 11.56 10.86
N ALA B 47 14.69 10.76 10.19
CA ALA B 47 14.74 10.77 8.72
C ALA B 47 13.35 10.55 8.16
N THR B 48 12.73 9.47 8.60
CA THR B 48 11.41 9.11 8.17
C THR B 48 10.41 10.21 8.52
N LEU B 49 10.54 10.77 9.72
CA LEU B 49 9.64 11.83 10.14
C LEU B 49 9.70 13.03 9.25
N PHE B 50 10.89 13.56 9.02
CA PHE B 50 10.99 14.74 8.18
C PHE B 50 11.13 14.54 6.69
N ASN B 51 11.51 13.35 6.25
CA ASN B 51 11.64 13.10 4.81
C ASN B 51 10.39 12.50 4.20
N ASP B 52 9.68 11.69 4.97
CA ASP B 52 8.49 11.03 4.45
C ASP B 52 7.17 11.38 5.14
N TRP B 53 7.15 11.50 6.46
CA TRP B 53 5.88 11.80 7.13
C TRP B 53 5.45 13.25 7.01
N SER B 54 6.42 14.15 6.97
CA SER B 54 6.08 15.57 6.89
C SER B 54 5.31 15.93 5.65
N LYS B 55 5.35 15.08 4.62
CA LYS B 55 4.65 15.37 3.36
C LYS B 55 3.30 14.65 3.24
N LEU B 56 2.89 13.93 4.27
CA LEU B 56 1.63 13.18 4.21
C LEU B 56 0.40 13.92 4.72
N SER B 57 -0.76 13.49 4.25
CA SER B 57 -2.03 14.08 4.65
C SER B 57 -2.49 13.35 5.91
N PHE B 58 -3.46 13.94 6.62
CA PHE B 58 -3.99 13.34 7.84
C PHE B 58 -4.21 11.84 7.64
N GLN B 59 -4.99 11.48 6.62
CA GLN B 59 -5.28 10.08 6.34
C GLN B 59 -4.08 9.20 6.12
N ASP B 60 -3.09 9.69 5.38
CA ASP B 60 -1.90 8.87 5.14
C ASP B 60 -1.06 8.72 6.43
N LEU B 61 -1.06 9.76 7.27
CA LEU B 61 -0.33 9.67 8.52
C LEU B 61 -1.03 8.65 9.40
N ALA B 62 -2.36 8.68 9.39
CA ALA B 62 -3.14 7.74 10.21
C ALA B 62 -2.74 6.29 9.84
N PHE B 63 -2.52 6.08 8.55
CA PHE B 63 -2.13 4.77 8.07
C PHE B 63 -0.71 4.42 8.53
N ALA B 64 0.23 5.32 8.30
CA ALA B 64 1.60 5.11 8.70
C ALA B 64 1.66 4.85 10.21
N ILE B 65 1.00 5.70 11.01
CA ILE B 65 1.00 5.54 12.45
C ILE B 65 0.35 4.23 12.90
N MSE B 66 -0.84 3.97 12.39
CA MSE B 66 -1.58 2.77 12.77
C MSE B 66 -0.96 1.45 12.35
O MSE B 66 -1.16 0.42 12.99
CB MSE B 66 -3.00 2.88 12.24
CG MSE B 66 -3.83 3.93 12.99
SE MSE B 66 -5.59 4.05 12.26
CE MSE B 66 -6.39 5.36 13.48
N ARG B 67 -0.18 1.47 11.28
CA ARG B 67 0.47 0.27 10.83
C ARG B 67 1.47 -0.16 11.91
N LEU B 68 1.97 0.81 12.66
CA LEU B 68 2.93 0.51 13.72
C LEU B 68 2.29 -0.18 14.91
N TYR B 69 1.00 -0.02 15.12
CA TYR B 69 0.36 -0.65 16.28
C TYR B 69 -0.58 -1.80 15.93
N ILE B 70 -0.87 -1.93 14.65
CA ILE B 70 -1.78 -2.96 14.17
C ILE B 70 -1.10 -3.81 13.14
N ALA B 71 -1.00 -5.11 13.40
CA ALA B 71 -0.35 -6.02 12.47
C ALA B 71 -1.14 -6.25 11.19
N GLN B 72 -0.40 -6.42 10.08
CA GLN B 72 -0.99 -6.67 8.76
C GLN B 72 -1.99 -7.83 8.85
N GLU B 73 -1.65 -8.84 9.64
CA GLU B 73 -2.52 -9.99 9.80
C GLU B 73 -3.88 -9.61 10.36
N GLU B 74 -3.91 -8.72 11.36
CA GLU B 74 -5.18 -8.33 11.97
C GLU B 74 -6.00 -7.40 11.06
N ILE B 75 -5.33 -6.57 10.27
CA ILE B 75 -6.02 -5.66 9.35
C ILE B 75 -5.11 -5.32 8.18
N PRO B 76 -5.36 -5.92 7.01
CA PRO B 76 -4.58 -5.69 5.77
C PRO B 76 -4.52 -4.23 5.36
N ASP B 77 -3.53 -3.87 4.55
CA ASP B 77 -3.37 -2.48 4.13
C ASP B 77 -4.65 -1.92 3.53
N ALA B 78 -5.23 -2.66 2.59
CA ALA B 78 -6.45 -2.21 1.93
C ALA B 78 -7.57 -1.90 2.94
N ASP B 79 -7.90 -2.89 3.76
CA ASP B 79 -8.94 -2.69 4.76
C ASP B 79 -8.65 -1.50 5.67
N LEU B 80 -7.43 -1.39 6.17
CA LEU B 80 -7.10 -0.27 7.06
C LEU B 80 -7.25 1.07 6.36
N LYS B 81 -6.76 1.19 5.13
CA LYS B 81 -6.86 2.46 4.40
C LYS B 81 -8.32 2.88 4.14
N ASP B 82 -9.21 1.90 4.09
CA ASP B 82 -10.61 2.15 3.85
C ASP B 82 -11.21 2.67 5.15
N LEU B 83 -10.92 1.99 6.25
CA LEU B 83 -11.41 2.41 7.55
C LEU B 83 -11.06 3.88 7.80
N ILE B 84 -9.84 4.25 7.43
CA ILE B 84 -9.42 5.62 7.62
C ILE B 84 -10.17 6.55 6.66
N LYS B 85 -10.20 6.20 5.38
CA LYS B 85 -10.88 7.04 4.39
C LYS B 85 -12.34 7.31 4.77
N ARG B 86 -13.08 6.27 5.09
CA ARG B 86 -14.48 6.45 5.44
C ARG B 86 -14.65 7.15 6.79
N SER B 87 -13.74 6.88 7.71
CA SER B 87 -13.80 7.50 9.02
C SER B 87 -13.70 9.02 8.97
N TYR B 88 -12.83 9.53 8.11
CA TYR B 88 -12.62 10.96 8.03
C TYR B 88 -13.26 11.64 6.82
N SER B 89 -14.11 10.90 6.12
CA SER B 89 -14.75 11.48 4.96
C SER B 89 -15.93 12.31 5.41
N THR B 90 -16.27 12.19 6.70
CA THR B 90 -17.38 12.96 7.25
C THR B 90 -16.92 14.24 7.94
N PHE B 91 -15.72 14.69 7.59
CA PHE B 91 -15.17 15.92 8.16
C PHE B 91 -15.31 17.09 7.19
N ARG B 92 -15.81 18.21 7.70
CA ARG B 92 -16.03 19.38 6.88
C ARG B 92 -14.77 20.13 6.47
N SER B 93 -13.61 19.63 6.89
CA SER B 93 -12.38 20.26 6.52
C SER B 93 -11.60 19.28 5.68
N ASP B 94 -11.06 19.77 4.58
CA ASP B 94 -10.31 18.94 3.67
C ASP B 94 -9.14 18.31 4.41
N GLU B 95 -8.59 19.05 5.37
CA GLU B 95 -7.45 18.61 6.17
C GLU B 95 -7.84 17.79 7.39
N VAL B 96 -9.13 17.60 7.57
CA VAL B 96 -9.66 16.86 8.72
C VAL B 96 -9.47 17.72 9.95
N THR B 97 -8.20 17.92 10.34
CA THR B 97 -7.88 18.74 11.51
C THR B 97 -6.94 19.88 11.12
N PRO B 98 -7.50 20.97 10.61
CA PRO B 98 -6.73 22.14 10.18
C PRO B 98 -6.07 22.94 11.30
N LEU B 99 -4.84 23.39 11.04
CA LEU B 99 -4.12 24.22 12.02
C LEU B 99 -4.34 25.68 11.65
N VAL B 100 -4.78 26.47 12.60
CA VAL B 100 -5.02 27.90 12.39
C VAL B 100 -3.82 28.57 13.04
N GLN B 101 -2.85 29.01 12.23
CA GLN B 101 -1.62 29.59 12.76
C GLN B 101 -1.61 31.09 13.04
N ASN B 102 -0.78 31.46 14.02
CA ASN B 102 -0.60 32.85 14.45
C ASN B 102 -1.88 33.60 14.55
N VAL B 103 -2.86 33.03 15.26
CA VAL B 103 -4.14 33.69 15.42
C VAL B 103 -3.99 35.09 16.02
N THR B 104 -3.05 35.24 16.96
CA THR B 104 -2.85 36.54 17.59
C THR B 104 -1.76 37.40 16.99
N GLY B 105 -1.49 37.22 15.70
CA GLY B 105 -0.47 38.05 15.07
C GLY B 105 0.88 37.38 15.10
N ASP B 106 1.95 38.14 14.93
CA ASP B 106 3.25 37.51 14.95
C ASP B 106 4.18 37.91 16.09
N LYS B 107 3.61 38.53 17.12
CA LYS B 107 4.39 38.88 18.29
C LYS B 107 4.74 37.57 19.00
N GLU B 108 3.85 36.58 18.88
CA GLU B 108 4.03 35.25 19.47
C GLU B 108 3.65 34.22 18.40
N ASN B 109 3.75 32.94 18.73
CA ASN B 109 3.37 31.89 17.80
C ASN B 109 2.24 31.04 18.37
N LEU B 110 1.04 31.62 18.45
CA LEU B 110 -0.09 30.91 18.99
C LEU B 110 -0.98 30.27 17.92
N HIS B 111 -0.88 28.95 17.76
CA HIS B 111 -1.69 28.25 16.79
C HIS B 111 -2.82 27.50 17.49
N ILE B 112 -3.99 27.47 16.85
CA ILE B 112 -5.11 26.78 17.39
C ILE B 112 -5.36 25.65 16.42
N LEU B 113 -5.29 24.42 16.91
CA LEU B 113 -5.55 23.23 16.08
C LEU B 113 -7.05 22.93 16.22
N GLU B 114 -7.80 23.14 15.15
CA GLU B 114 -9.25 22.92 15.23
C GLU B 114 -9.58 21.44 15.03
N LEU B 115 -10.11 20.83 16.09
CA LEU B 115 -10.46 19.41 16.06
C LEU B 115 -11.98 19.22 16.04
N PHE B 116 -12.73 20.28 15.74
CA PHE B 116 -14.18 20.21 15.72
C PHE B 116 -14.86 20.15 14.34
N HIS B 117 -14.12 19.82 13.28
CA HIS B 117 -14.73 19.75 11.94
C HIS B 117 -15.45 18.44 11.58
N GLY B 118 -15.65 17.60 12.58
CA GLY B 118 -16.33 16.34 12.36
C GLY B 118 -17.83 16.43 12.57
N PRO B 119 -18.55 15.35 12.24
CA PRO B 119 -20.01 15.21 12.36
C PRO B 119 -20.69 15.90 13.55
N THR B 120 -20.09 15.81 14.75
CA THR B 120 -20.70 16.46 15.91
C THR B 120 -20.10 17.77 16.42
N TYR B 121 -19.16 18.35 15.66
CA TYR B 121 -18.55 19.64 16.05
C TYR B 121 -17.76 19.62 17.38
N ALA B 122 -17.31 18.43 17.77
CA ALA B 122 -16.53 18.24 18.98
C ALA B 122 -15.41 17.28 18.60
N PHE B 123 -14.26 17.44 19.25
CA PHE B 123 -13.09 16.62 18.92
C PHE B 123 -13.21 15.10 19.11
N LYS B 124 -14.18 14.64 19.89
CA LYS B 124 -14.31 13.20 20.09
C LYS B 124 -14.68 12.43 18.84
N ASP B 125 -15.00 13.16 17.78
CA ASP B 125 -15.36 12.56 16.51
C ASP B 125 -14.15 11.87 15.91
N VAL B 126 -12.97 12.44 16.10
CA VAL B 126 -11.77 11.82 15.53
C VAL B 126 -11.61 10.37 15.99
N ALA B 127 -11.79 10.15 17.29
CA ALA B 127 -11.67 8.80 17.84
C ALA B 127 -12.88 7.94 17.43
N LEU B 128 -14.07 8.35 17.90
CA LEU B 128 -15.32 7.64 17.67
C LEU B 128 -15.69 7.30 16.23
N GLN B 129 -15.37 8.16 15.27
CA GLN B 129 -15.68 7.81 13.89
C GLN B 129 -14.85 6.57 13.54
N PHE B 130 -13.55 6.62 13.85
CA PHE B 130 -12.66 5.51 13.59
C PHE B 130 -13.09 4.25 14.34
N VAL B 131 -13.24 4.36 15.66
CA VAL B 131 -13.62 3.21 16.47
C VAL B 131 -14.93 2.56 16.04
N GLY B 132 -15.92 3.39 15.71
CA GLY B 132 -17.20 2.85 15.26
C GLY B 132 -16.97 2.00 14.04
N ASN B 133 -16.23 2.51 13.06
CA ASN B 133 -15.98 1.74 11.87
C ASN B 133 -15.19 0.49 12.22
N LEU B 134 -14.29 0.61 13.18
CA LEU B 134 -13.49 -0.53 13.60
C LEU B 134 -14.41 -1.62 14.08
N PHE B 135 -15.29 -1.28 15.02
CA PHE B 135 -16.23 -2.25 15.54
C PHE B 135 -17.00 -2.95 14.43
N GLU B 136 -17.56 -2.17 13.50
CA GLU B 136 -18.31 -2.74 12.40
C GLU B 136 -17.45 -3.74 11.62
N TYR B 137 -16.20 -3.36 11.37
CA TYR B 137 -15.27 -4.20 10.62
C TYR B 137 -14.96 -5.52 11.34
N PHE B 138 -14.68 -5.47 12.64
CA PHE B 138 -14.39 -6.69 13.37
C PHE B 138 -15.64 -7.57 13.53
N LEU B 139 -16.76 -6.93 13.81
CA LEU B 139 -18.03 -7.63 13.99
C LEU B 139 -18.41 -8.35 12.70
N GLN B 140 -18.18 -7.66 11.59
CA GLN B 140 -18.48 -8.17 10.27
C GLN B 140 -17.70 -9.44 9.98
N ARG B 141 -16.36 -9.39 10.08
CA ARG B 141 -15.51 -10.55 9.79
C ARG B 141 -15.95 -11.76 10.59
N THR B 142 -16.29 -11.55 11.85
CA THR B 142 -16.78 -12.63 12.69
C THR B 142 -18.04 -13.19 12.03
N ASN B 143 -19.11 -12.39 12.02
CA ASN B 143 -20.37 -12.79 11.39
C ASN B 143 -20.17 -13.29 9.95
N ALA B 144 -19.04 -12.97 9.33
CA ALA B 144 -18.78 -13.38 7.95
C ALA B 144 -18.73 -14.90 7.83
N ASN B 145 -18.86 -15.58 8.96
CA ASN B 145 -18.85 -17.03 8.96
C ASN B 145 -20.20 -17.56 9.46
N LEU B 146 -20.87 -16.79 10.33
CA LEU B 146 -22.18 -17.19 10.86
C LEU B 146 -23.09 -17.50 9.67
N PRO B 147 -24.22 -18.15 9.94
CA PRO B 147 -25.14 -18.51 8.86
C PRO B 147 -26.36 -17.59 8.70
N GLU B 148 -26.14 -16.29 8.50
CA GLU B 148 -27.21 -15.29 8.36
C GLU B 148 -28.16 -15.39 9.55
N GLY B 149 -27.93 -16.44 10.33
CA GLY B 149 -28.69 -16.74 11.52
C GLY B 149 -27.63 -17.12 12.55
N GLU B 150 -27.89 -16.80 13.80
CA GLU B 150 -26.94 -17.09 14.86
C GLU B 150 -25.75 -16.14 14.68
N LYS B 151 -25.96 -15.07 13.90
CA LYS B 151 -24.93 -14.06 13.64
C LYS B 151 -24.97 -13.05 14.79
N LYS B 152 -23.86 -12.96 15.53
CA LYS B 152 -23.74 -12.06 16.68
C LYS B 152 -24.12 -10.61 16.38
N GLN B 153 -24.56 -9.90 17.41
CA GLN B 153 -24.94 -8.50 17.29
C GLN B 153 -24.67 -7.77 18.58
N ILE B 154 -24.06 -6.60 18.49
CA ILE B 154 -23.75 -5.82 19.68
C ILE B 154 -24.76 -4.73 19.91
N THR B 155 -24.84 -4.26 21.16
CA THR B 155 -25.76 -3.20 21.53
C THR B 155 -25.12 -2.27 22.56
N VAL B 156 -24.56 -1.17 22.08
CA VAL B 156 -23.92 -0.21 22.97
C VAL B 156 -24.96 0.50 23.82
N VAL B 157 -24.66 0.68 25.10
CA VAL B 157 -25.57 1.35 26.01
C VAL B 157 -24.77 2.25 26.95
N GLY B 158 -25.29 3.44 27.22
CA GLY B 158 -24.60 4.37 28.10
C GLY B 158 -25.41 5.61 28.40
N ALA B 159 -24.92 6.41 29.34
CA ALA B 159 -25.61 7.64 29.75
C ALA B 159 -24.80 8.89 29.37
N THR B 160 -25.50 9.98 29.05
CA THR B 160 -24.84 11.22 28.67
C THR B 160 -25.26 12.42 29.50
N SER B 161 -24.28 13.20 29.94
CA SER B 161 -24.54 14.40 30.74
C SER B 161 -24.66 15.61 29.82
N GLY B 162 -24.46 15.38 28.51
CA GLY B 162 -24.55 16.45 27.56
C GLY B 162 -24.12 16.16 26.13
N ASP B 163 -22.83 16.27 25.85
CA ASP B 163 -22.32 16.06 24.50
C ASP B 163 -21.71 14.68 24.27
N THR B 164 -20.91 14.21 25.21
CA THR B 164 -20.23 12.94 25.12
C THR B 164 -20.97 11.93 24.24
N GLY B 165 -22.26 11.72 24.52
CA GLY B 165 -23.03 10.76 23.75
C GLY B 165 -23.14 10.99 22.26
N SER B 166 -23.20 12.25 21.86
CA SER B 166 -23.31 12.61 20.45
C SER B 166 -22.24 11.93 19.61
N ALA B 167 -21.01 12.00 20.08
CA ALA B 167 -19.87 11.41 19.38
C ALA B 167 -20.07 9.91 19.13
N ALA B 168 -20.52 9.21 20.15
CA ALA B 168 -20.75 7.77 20.05
C ALA B 168 -21.86 7.48 19.06
N ILE B 169 -22.94 8.26 19.16
CA ILE B 169 -24.07 8.06 18.29
C ILE B 169 -23.70 8.21 16.83
N TYR B 170 -22.95 9.25 16.48
CA TYR B 170 -22.56 9.43 15.09
C TYR B 170 -21.51 8.43 14.61
N GLY B 171 -20.78 7.85 15.56
CA GLY B 171 -19.75 6.89 15.20
C GLY B 171 -20.33 5.47 15.05
N LEU B 172 -21.52 5.28 15.60
CA LEU B 172 -22.15 3.97 15.53
C LEU B 172 -23.41 3.95 14.68
N ARG B 173 -23.95 5.13 14.38
CA ARG B 173 -25.16 5.26 13.57
C ARG B 173 -25.01 4.55 12.22
N GLY B 174 -25.94 3.66 11.93
CA GLY B 174 -25.94 2.94 10.68
C GLY B 174 -24.90 1.84 10.49
N LYS B 175 -24.20 1.46 11.55
CA LYS B 175 -23.20 0.42 11.42
C LYS B 175 -23.89 -0.94 11.55
N LYS B 176 -23.57 -1.85 10.63
CA LYS B 176 -24.16 -3.19 10.61
C LYS B 176 -24.11 -3.92 11.96
N ASP B 177 -25.18 -4.64 12.24
CA ASP B 177 -25.30 -5.44 13.46
C ASP B 177 -24.83 -4.75 14.73
N VAL B 178 -25.19 -3.48 14.89
CA VAL B 178 -24.83 -2.72 16.08
C VAL B 178 -26.04 -1.87 16.41
N SER B 179 -26.20 -1.52 17.66
CA SER B 179 -27.31 -0.68 18.06
C SER B 179 -26.84 0.14 19.25
N VAL B 180 -27.31 1.38 19.31
CA VAL B 180 -26.90 2.28 20.37
C VAL B 180 -28.07 2.83 21.16
N PHE B 181 -28.07 2.58 22.46
CA PHE B 181 -29.10 3.09 23.35
C PHE B 181 -28.41 3.96 24.38
N ILE B 182 -28.75 5.25 24.39
CA ILE B 182 -28.13 6.18 25.32
C ILE B 182 -29.13 6.92 26.19
N LEU B 183 -29.01 6.71 27.49
CA LEU B 183 -29.88 7.33 28.47
C LEU B 183 -29.36 8.71 28.84
N TYR B 184 -30.27 9.62 29.11
CA TYR B 184 -29.88 10.97 29.51
C TYR B 184 -30.98 11.57 30.36
N PRO B 185 -30.61 12.32 31.42
CA PRO B 185 -31.59 12.96 32.30
C PRO B 185 -32.37 14.01 31.52
N THR B 186 -33.69 13.94 31.59
CA THR B 186 -34.53 14.88 30.85
C THR B 186 -34.43 16.30 31.39
N GLY B 187 -34.55 17.27 30.49
CA GLY B 187 -34.46 18.66 30.87
C GLY B 187 -33.09 19.02 31.41
N ARG B 188 -32.24 18.02 31.59
CA ARG B 188 -30.89 18.25 32.11
C ARG B 188 -29.91 18.42 30.95
N ILE B 189 -30.37 18.10 29.74
CA ILE B 189 -29.58 18.20 28.53
C ILE B 189 -29.93 19.44 27.71
N SER B 190 -28.95 20.30 27.47
CA SER B 190 -29.18 21.51 26.69
C SER B 190 -29.81 21.14 25.34
N PRO B 191 -30.51 22.09 24.71
CA PRO B 191 -31.17 21.90 23.42
C PRO B 191 -30.31 21.31 22.31
N ILE B 192 -29.20 21.99 21.98
CA ILE B 192 -28.29 21.56 20.91
C ILE B 192 -27.67 20.17 21.06
N GLN B 193 -27.47 19.71 22.29
CA GLN B 193 -26.88 18.39 22.50
C GLN B 193 -27.94 17.33 22.25
N GLU B 194 -29.17 17.63 22.64
CA GLU B 194 -30.27 16.70 22.45
C GLU B 194 -30.65 16.61 20.99
N GLU B 195 -30.62 17.75 20.31
CA GLU B 195 -30.96 17.78 18.90
C GLU B 195 -30.01 16.95 18.06
N GLN B 196 -28.73 16.96 18.38
CA GLN B 196 -27.79 16.16 17.62
C GLN B 196 -28.12 14.69 17.78
N MSE B 197 -28.41 14.28 19.02
CA MSE B 197 -28.73 12.90 19.34
C MSE B 197 -30.07 12.40 18.80
O MSE B 197 -30.12 11.41 18.09
CB MSE B 197 -28.68 12.68 20.85
CG MSE B 197 -27.29 12.77 21.45
SE MSE B 197 -27.23 12.35 23.31
CE MSE B 197 -27.02 14.12 24.07
N THR B 198 -31.15 13.11 19.13
CA THR B 198 -32.48 12.69 18.69
C THR B 198 -32.83 12.96 17.22
N THR B 199 -32.00 13.74 16.53
CA THR B 199 -32.24 14.07 15.13
C THR B 199 -31.86 13.00 14.13
N VAL B 200 -30.68 12.41 14.33
CA VAL B 200 -30.19 11.39 13.43
C VAL B 200 -31.26 10.35 13.08
N PRO B 201 -31.49 10.15 11.77
CA PRO B 201 -32.48 9.20 11.23
C PRO B 201 -32.20 7.70 11.48
N ASP B 202 -30.96 7.28 11.30
CA ASP B 202 -30.56 5.88 11.49
C ASP B 202 -31.35 5.11 12.58
N GLU B 203 -31.75 3.91 12.22
CA GLU B 203 -32.55 3.04 13.10
C GLU B 203 -31.80 2.42 14.26
N ASN B 204 -30.55 2.02 14.05
CA ASN B 204 -29.79 1.39 15.10
C ASN B 204 -29.53 2.28 16.31
N VAL B 205 -30.11 3.48 16.31
CA VAL B 205 -29.94 4.42 17.43
C VAL B 205 -31.26 4.81 18.08
N GLN B 206 -31.26 4.88 19.41
CA GLN B 206 -32.45 5.24 20.16
C GLN B 206 -32.07 5.77 21.52
N THR B 207 -32.23 7.07 21.72
CA THR B 207 -31.89 7.65 23.01
C THR B 207 -33.08 7.49 23.96
N LEU B 208 -32.79 7.40 25.26
CA LEU B 208 -33.82 7.26 26.27
C LEU B 208 -33.78 8.48 27.20
N SER B 209 -34.89 9.21 27.27
CA SER B 209 -34.96 10.39 28.12
C SER B 209 -35.42 10.01 29.52
N VAL B 210 -34.49 9.49 30.31
CA VAL B 210 -34.79 9.07 31.67
C VAL B 210 -35.16 10.26 32.57
N THR B 211 -36.33 10.20 33.18
CA THR B 211 -36.78 11.26 34.07
C THR B 211 -36.11 11.11 35.43
N GLY B 212 -35.07 11.90 35.66
CA GLY B 212 -34.35 11.83 36.92
C GLY B 212 -33.09 12.67 36.80
N THR B 213 -32.01 12.27 37.46
CA THR B 213 -30.75 13.02 37.41
C THR B 213 -29.73 12.31 36.51
N PHE B 214 -28.57 12.94 36.32
CA PHE B 214 -27.54 12.32 35.50
C PHE B 214 -26.85 11.23 36.31
N ASP B 215 -26.52 11.55 37.56
CA ASP B 215 -25.87 10.61 38.46
C ASP B 215 -26.87 9.47 38.67
N ASN B 216 -28.13 9.74 38.29
CA ASN B 216 -29.24 8.78 38.38
C ASN B 216 -29.08 7.79 37.21
N CYS B 217 -28.74 8.33 36.04
CA CYS B 217 -28.56 7.55 34.83
C CYS B 217 -27.33 6.65 34.84
N GLN B 218 -26.34 6.97 35.66
CA GLN B 218 -25.15 6.14 35.76
C GLN B 218 -25.52 4.80 36.38
N ASP B 219 -26.42 4.83 37.36
CA ASP B 219 -26.88 3.63 38.04
C ASP B 219 -28.00 2.94 37.27
N ILE B 220 -28.89 3.73 36.67
CA ILE B 220 -30.01 3.17 35.90
C ILE B 220 -29.51 2.51 34.62
N VAL B 221 -28.19 2.58 34.40
CA VAL B 221 -27.54 2.00 33.22
C VAL B 221 -26.40 1.08 33.65
N LYS B 222 -25.81 1.37 34.81
CA LYS B 222 -24.73 0.55 35.33
C LYS B 222 -25.35 -0.79 35.67
N ALA B 223 -26.61 -0.76 36.09
CA ALA B 223 -27.35 -1.96 36.45
C ALA B 223 -27.50 -2.83 35.20
N ILE B 224 -28.04 -2.23 34.14
CA ILE B 224 -28.22 -2.94 32.89
C ILE B 224 -26.85 -3.46 32.46
N PHE B 225 -25.82 -2.69 32.80
CA PHE B 225 -24.44 -3.04 32.48
C PHE B 225 -23.94 -4.20 33.31
N GLY B 226 -24.03 -4.07 34.63
CA GLY B 226 -23.58 -5.15 35.50
C GLY B 226 -24.18 -6.45 35.01
N ASP B 227 -25.30 -6.32 34.29
CA ASP B 227 -26.03 -7.44 33.71
C ASP B 227 -26.99 -8.16 34.66
N LYS B 228 -27.50 -9.27 34.16
CA LYS B 228 -28.43 -10.12 34.87
C LYS B 228 -28.59 -11.25 33.85
N GLU B 229 -29.82 -11.55 33.45
CA GLU B 229 -30.03 -12.56 32.42
C GLU B 229 -29.69 -11.81 31.14
N PHE B 230 -29.19 -10.59 31.33
CA PHE B 230 -28.80 -9.68 30.25
C PHE B 230 -27.36 -9.96 29.83
N ASN B 231 -27.15 -11.12 29.23
CA ASN B 231 -25.84 -11.54 28.76
C ASN B 231 -25.50 -10.81 27.46
N HIS B 234 -27.63 -10.96 25.65
CA HIS B 234 -27.15 -10.77 24.29
C HIS B 234 -26.11 -9.64 24.17
N ASN B 235 -24.93 -9.99 23.64
CA ASN B 235 -23.81 -9.08 23.43
C ASN B 235 -24.09 -7.58 23.69
N VAL B 236 -23.71 -7.11 24.88
CA VAL B 236 -23.92 -5.74 25.30
C VAL B 236 -22.66 -4.88 25.24
N GLY B 237 -22.65 -3.91 24.32
CA GLY B 237 -21.50 -3.03 24.17
C GLY B 237 -21.35 -2.06 25.32
N ALA B 238 -20.28 -1.27 25.30
CA ALA B 238 -20.03 -0.30 26.35
C ALA B 238 -19.59 1.07 25.82
N VAL B 239 -20.06 2.12 26.47
CA VAL B 239 -19.72 3.49 26.11
C VAL B 239 -18.53 3.93 26.96
N ASN B 240 -17.33 3.75 26.43
CA ASN B 240 -16.11 4.07 27.17
C ASN B 240 -15.23 5.18 26.61
N SER B 241 -14.28 5.61 27.44
CA SER B 241 -13.33 6.64 27.04
C SER B 241 -11.92 6.04 27.09
N ILE B 242 -11.85 4.78 27.53
CA ILE B 242 -10.57 4.12 27.67
C ILE B 242 -10.20 3.06 26.65
N ASN B 243 -10.86 3.06 25.51
CA ASN B 243 -10.54 2.09 24.47
C ASN B 243 -9.18 2.47 23.88
N TRP B 244 -8.38 1.49 23.49
CA TRP B 244 -7.08 1.76 22.91
C TRP B 244 -7.24 2.44 21.56
N ALA B 245 -8.23 1.98 20.79
CA ALA B 245 -8.49 2.55 19.48
C ALA B 245 -8.65 4.06 19.60
N ARG B 246 -9.17 4.51 20.73
CA ARG B 246 -9.32 5.94 20.92
C ARG B 246 -7.96 6.62 20.91
N ILE B 247 -7.06 6.18 21.80
CA ILE B 247 -5.74 6.76 21.89
C ILE B 247 -5.09 6.74 20.52
N LEU B 248 -5.08 5.58 19.90
CA LEU B 248 -4.49 5.40 18.58
C LEU B 248 -5.00 6.41 17.55
N ALA B 249 -6.31 6.60 17.46
CA ALA B 249 -6.82 7.54 16.48
C ALA B 249 -6.35 8.95 16.74
N GLN B 250 -6.32 9.32 18.01
CA GLN B 250 -5.93 10.66 18.37
C GLN B 250 -4.47 11.03 18.12
N MSE B 251 -3.62 10.05 17.86
CA MSE B 251 -2.21 10.34 17.62
C MSE B 251 -1.95 11.10 16.32
O MSE B 251 -1.04 11.92 16.24
CB MSE B 251 -1.41 9.07 17.60
CG MSE B 251 -1.45 8.24 18.86
SE MSE B 251 -0.23 6.73 18.59
CE MSE B 251 -0.92 5.51 19.91
N THR B 252 -2.76 10.80 15.31
CA THR B 252 -2.62 11.41 14.00
C THR B 252 -2.48 12.91 13.96
N TYR B 253 -3.37 13.64 14.61
CA TYR B 253 -3.27 15.09 14.53
C TYR B 253 -2.09 15.73 15.22
N TYR B 254 -1.44 15.04 16.17
CA TYR B 254 -0.27 15.69 16.77
C TYR B 254 0.80 15.74 15.71
N PHE B 255 0.98 14.64 15.00
CA PHE B 255 1.98 14.61 13.94
C PHE B 255 1.60 15.59 12.85
N TYR B 256 0.36 15.46 12.37
CA TYR B 256 -0.13 16.32 11.32
C TYR B 256 0.13 17.80 11.58
N SER B 257 -0.31 18.29 12.72
CA SER B 257 -0.14 19.69 13.05
C SER B 257 1.32 20.06 13.29
N PHE B 258 2.08 19.15 13.91
CA PHE B 258 3.50 19.43 14.15
C PHE B 258 4.14 19.87 12.82
N PHE B 259 3.98 19.05 11.79
CA PHE B 259 4.52 19.36 10.47
C PHE B 259 3.91 20.64 9.89
N GLN B 260 2.62 20.87 10.12
CA GLN B 260 2.03 22.08 9.60
C GLN B 260 2.72 23.28 10.23
N ALA B 261 3.10 23.15 11.49
CA ALA B 261 3.72 24.24 12.22
C ALA B 261 5.22 24.38 12.01
N THR B 262 5.84 23.43 11.32
CA THR B 262 7.28 23.50 11.13
C THR B 262 7.78 23.33 9.70
N ASN B 263 6.98 22.72 8.84
CA ASN B 263 7.42 22.52 7.47
C ASN B 263 7.82 23.87 6.91
N GLY B 264 9.04 23.93 6.37
CA GLY B 264 9.55 25.17 5.82
C GLY B 264 10.26 25.98 6.90
N LYS B 265 9.49 26.49 7.86
CA LYS B 265 10.01 27.30 8.96
C LYS B 265 11.35 26.81 9.53
N ASP B 266 12.05 27.72 10.20
CA ASP B 266 13.36 27.41 10.77
C ASP B 266 13.30 26.90 12.20
N SER B 267 12.24 27.27 12.92
CA SER B 267 12.03 26.81 14.29
C SER B 267 11.26 25.49 14.23
N LYS B 268 11.88 24.40 14.68
CA LYS B 268 11.20 23.11 14.70
C LYS B 268 10.76 22.79 16.13
N LYS B 269 10.76 23.81 16.97
CA LYS B 269 10.36 23.61 18.36
C LYS B 269 8.89 23.92 18.53
N VAL B 270 8.13 22.92 18.96
CA VAL B 270 6.71 23.13 19.16
C VAL B 270 6.23 22.54 20.46
N LYS B 271 5.30 23.24 21.09
CA LYS B 271 4.71 22.79 22.33
C LYS B 271 3.19 22.70 22.21
N PHE B 272 2.65 21.54 22.57
CA PHE B 272 1.22 21.30 22.56
C PHE B 272 0.60 21.64 23.92
N VAL B 273 -0.49 22.38 23.92
CA VAL B 273 -1.19 22.66 25.16
C VAL B 273 -2.55 21.98 24.92
N VAL B 274 -2.92 21.08 25.82
CA VAL B 274 -4.14 20.30 25.65
C VAL B 274 -5.14 20.37 26.80
N PRO B 275 -6.31 20.97 26.57
CA PRO B 275 -7.26 21.02 27.68
C PRO B 275 -7.65 19.55 27.96
N SER B 276 -7.36 19.06 29.16
CA SER B 276 -7.60 17.66 29.48
C SER B 276 -8.65 17.28 30.51
N GLY B 277 -9.21 16.09 30.32
CA GLY B 277 -10.21 15.55 31.26
C GLY B 277 -9.73 14.18 31.70
N ASN B 278 -10.00 13.17 30.88
CA ASN B 278 -9.56 11.83 31.19
C ASN B 278 -8.16 11.48 30.69
N PHE B 279 -7.44 12.47 30.17
CA PHE B 279 -6.06 12.28 29.71
C PHE B 279 -5.82 11.54 28.39
N GLY B 280 -6.87 10.98 27.80
CA GLY B 280 -6.68 10.27 26.55
C GLY B 280 -6.10 11.12 25.45
N ASP B 281 -6.64 12.31 25.28
CA ASP B 281 -6.19 13.22 24.24
C ASP B 281 -4.70 13.52 24.36
N ILE B 282 -4.30 14.03 25.51
CA ILE B 282 -2.89 14.36 25.69
C ILE B 282 -2.01 13.12 25.73
N LEU B 283 -2.57 11.99 26.17
CA LEU B 283 -1.78 10.78 26.26
C LEU B 283 -1.38 10.34 24.86
N ALA B 284 -2.23 10.64 23.90
CA ALA B 284 -1.92 10.28 22.53
C ALA B 284 -0.71 11.15 22.11
N GLY B 285 -0.62 12.36 22.68
CA GLY B 285 0.49 13.23 22.38
C GLY B 285 1.76 12.66 23.00
N TYR B 286 1.60 11.96 24.12
CA TYR B 286 2.71 11.37 24.83
C TYR B 286 3.27 10.27 23.96
N PHE B 287 2.40 9.46 23.38
CA PHE B 287 2.87 8.37 22.52
C PHE B 287 3.67 8.90 21.33
N ALA B 288 3.17 9.95 20.68
CA ALA B 288 3.86 10.53 19.54
C ALA B 288 5.22 11.01 20.01
N LYS B 289 5.28 11.58 21.21
CA LYS B 289 6.56 12.05 21.74
C LYS B 289 7.54 10.89 21.90
N LYS B 290 7.10 9.79 22.49
CA LYS B 290 7.96 8.64 22.67
C LYS B 290 8.27 7.92 21.38
N MSE B 291 7.48 8.17 20.33
CA MSE B 291 7.73 7.51 19.04
C MSE B 291 8.86 8.21 18.30
O MSE B 291 9.49 7.60 17.43
CB MSE B 291 6.48 7.55 18.16
CG MSE B 291 5.39 6.58 18.62
SE MSE B 291 3.63 6.93 17.81
CE MSE B 291 4.02 6.40 16.01
N GLY B 292 9.09 9.49 18.62
CA GLY B 292 10.14 10.24 17.96
C GLY B 292 9.86 11.73 17.75
N LEU B 293 8.60 12.13 17.81
CA LEU B 293 8.21 13.53 17.63
C LEU B 293 9.03 14.41 18.58
N PRO B 294 9.96 15.21 18.04
CA PRO B 294 10.81 16.09 18.85
C PRO B 294 10.15 17.34 19.39
N ILE B 295 9.17 17.15 20.25
CA ILE B 295 8.43 18.26 20.84
C ILE B 295 8.75 18.53 22.30
N GLU B 296 8.41 19.74 22.73
CA GLU B 296 8.59 20.21 24.11
C GLU B 296 7.70 19.39 25.05
N LYS B 297 7.72 19.73 26.33
CA LYS B 297 6.88 19.05 27.31
C LYS B 297 5.43 19.29 26.95
N LEU B 298 4.62 18.24 27.05
CA LEU B 298 3.20 18.32 26.79
C LEU B 298 2.60 19.09 27.94
N ALA B 299 1.74 20.05 27.64
CA ALA B 299 1.10 20.88 28.65
C ALA B 299 -0.33 20.45 28.96
N ILE B 300 -0.58 20.05 30.18
CA ILE B 300 -1.91 19.62 30.57
C ILE B 300 -2.63 20.83 31.09
N ALA B 301 -3.74 21.19 30.47
CA ALA B 301 -4.52 22.34 30.93
C ALA B 301 -5.82 21.78 31.51
N THR B 302 -6.15 22.19 32.72
CA THR B 302 -7.36 21.68 33.36
C THR B 302 -8.20 22.81 33.91
N ASN B 303 -9.46 22.52 34.25
CA ASN B 303 -10.28 23.56 34.84
C ASN B 303 -10.18 23.36 36.33
N GLU B 304 -11.18 23.81 37.08
CA GLU B 304 -11.11 23.69 38.54
C GLU B 304 -10.94 22.28 39.04
N ASN B 305 -11.44 21.30 38.29
CA ASN B 305 -11.27 19.91 38.66
C ASN B 305 -9.84 19.55 38.27
N ASP B 306 -8.92 19.90 39.15
CA ASP B 306 -7.49 19.71 38.93
C ASP B 306 -6.79 18.48 39.52
N ILE B 307 -7.45 17.33 39.51
CA ILE B 307 -6.81 16.16 40.05
C ILE B 307 -5.42 16.01 39.41
N LEU B 308 -5.34 16.18 38.09
CA LEU B 308 -4.06 16.05 37.42
C LEU B 308 -3.02 17.10 37.80
N ASP B 309 -3.44 18.36 37.88
CA ASP B 309 -2.50 19.42 38.23
C ASP B 309 -1.95 19.21 39.63
N ARG B 310 -2.77 18.70 40.52
CA ARG B 310 -2.31 18.43 41.89
C ARG B 310 -1.35 17.26 41.90
N PHE B 311 -1.68 16.21 41.17
CA PHE B 311 -0.78 15.06 41.13
C PHE B 311 0.60 15.45 40.64
N LEU B 312 0.64 16.07 39.47
CA LEU B 312 1.89 16.45 38.86
C LEU B 312 2.68 17.40 39.75
N LYS B 313 2.08 17.85 40.83
CA LYS B 313 2.76 18.79 41.72
C LYS B 313 3.18 18.19 43.06
N SER B 314 2.50 17.12 43.47
CA SER B 314 2.77 16.47 44.75
C SER B 314 3.06 14.98 44.66
N GLY B 315 2.46 14.30 43.72
CA GLY B 315 2.66 12.87 43.62
C GLY B 315 1.51 12.23 44.38
N LEU B 316 0.55 13.08 44.71
CA LEU B 316 -0.64 12.65 45.41
C LEU B 316 -1.85 12.67 44.48
N TYR B 317 -2.27 11.49 44.06
CA TYR B 317 -3.43 11.34 43.18
C TYR B 317 -4.63 11.09 44.09
N GLU B 318 -5.29 12.17 44.48
CA GLU B 318 -6.42 12.08 45.37
C GLU B 318 -7.71 12.56 44.70
N ARG B 319 -8.74 11.73 44.78
CA ARG B 319 -10.04 12.06 44.20
C ARG B 319 -10.75 13.08 45.09
N SER B 320 -11.34 14.10 44.48
CA SER B 320 -12.08 15.10 45.26
C SER B 320 -13.44 14.52 45.62
N ASP B 321 -14.15 15.20 46.50
CA ASP B 321 -15.47 14.77 46.94
C ASP B 321 -16.50 15.47 46.06
N LYS B 322 -16.24 16.75 45.82
CA LYS B 322 -17.12 17.58 45.01
C LYS B 322 -16.57 17.81 43.60
N VAL B 323 -17.47 17.73 42.62
CA VAL B 323 -17.13 17.97 41.23
C VAL B 323 -17.50 19.42 40.98
N ALA B 324 -16.53 20.32 41.16
CA ALA B 324 -16.76 21.75 40.95
C ALA B 324 -17.36 22.00 39.57
N ALA B 325 -18.35 22.89 39.52
CA ALA B 325 -19.00 23.22 38.26
C ALA B 325 -18.06 24.21 37.57
N THR B 326 -17.99 24.12 36.25
CA THR B 326 -17.12 25.03 35.52
C THR B 326 -17.75 25.38 34.20
N LEU B 327 -17.11 26.30 33.48
CA LEU B 327 -17.55 26.73 32.18
C LEU B 327 -17.16 25.70 31.15
N SER B 328 -16.30 24.75 31.54
CA SER B 328 -15.85 23.70 30.63
C SER B 328 -16.27 22.31 31.11
N PRO B 329 -17.58 22.09 31.24
CA PRO B 329 -18.18 20.83 31.69
C PRO B 329 -17.54 19.51 31.26
N ALA B 330 -17.17 19.38 29.99
CA ALA B 330 -16.58 18.10 29.51
C ALA B 330 -15.25 17.68 30.14
N MSE B 331 -14.69 18.51 30.99
CA MSE B 331 -13.43 18.20 31.65
C MSE B 331 -13.66 18.08 33.14
O MSE B 331 -12.73 17.79 33.89
CB MSE B 331 -12.40 19.30 31.37
CG MSE B 331 -11.85 19.30 29.95
SE MSE B 331 -11.13 21.04 29.47
CE MSE B 331 -9.99 21.29 30.99
N ASP B 332 -14.91 18.32 33.56
CA ASP B 332 -15.33 18.23 34.95
C ASP B 332 -15.34 16.77 35.39
N ILE B 333 -14.19 16.27 35.82
CA ILE B 333 -14.04 14.87 36.21
C ILE B 333 -13.42 14.68 37.59
N LEU B 334 -13.68 13.53 38.23
CA LEU B 334 -13.11 13.26 39.55
C LEU B 334 -11.78 12.53 39.43
N ILE B 335 -11.71 11.61 38.46
CA ILE B 335 -10.50 10.84 38.18
C ILE B 335 -10.28 10.67 36.68
N SER B 336 -9.09 11.06 36.23
CA SER B 336 -8.70 11.01 34.82
C SER B 336 -8.39 9.57 34.40
N SER B 337 -9.41 8.84 33.92
CA SER B 337 -9.25 7.45 33.55
C SER B 337 -8.00 6.96 32.82
N ASN B 338 -7.64 7.56 31.70
CA ASN B 338 -6.45 7.12 30.97
C ASN B 338 -5.11 7.39 31.65
N PHE B 339 -5.12 8.29 32.62
CA PHE B 339 -3.91 8.62 33.31
C PHE B 339 -3.16 7.36 33.75
N GLU B 340 -3.94 6.33 34.05
CA GLU B 340 -3.39 5.07 34.48
C GLU B 340 -2.39 4.61 33.43
N ARG B 341 -2.73 4.77 32.15
CA ARG B 341 -1.82 4.33 31.11
C ARG B 341 -0.45 4.97 31.27
N LEU B 342 -0.42 6.27 31.57
CA LEU B 342 0.85 6.95 31.75
C LEU B 342 1.59 6.35 32.94
N LEU B 343 0.88 6.19 34.05
CA LEU B 343 1.46 5.62 35.27
C LEU B 343 2.16 4.28 35.01
N TRP B 344 1.62 3.49 34.09
CA TRP B 344 2.23 2.20 33.81
C TRP B 344 3.62 2.40 33.23
N TYR B 345 3.71 3.24 32.20
CA TYR B 345 5.01 3.48 31.59
C TYR B 345 5.95 4.12 32.60
N LEU B 346 5.43 5.01 33.43
CA LEU B 346 6.26 5.65 34.43
C LEU B 346 6.78 4.59 35.40
N ALA B 347 5.87 3.81 35.99
CA ALA B 347 6.26 2.76 36.92
C ALA B 347 7.26 1.82 36.27
N ARG B 348 7.03 1.45 35.02
CA ARG B 348 7.93 0.53 34.34
C ARG B 348 9.36 1.05 34.21
N GLU B 349 9.50 2.32 33.91
CA GLU B 349 10.82 2.87 33.77
C GLU B 349 11.51 3.22 35.08
N TYR B 350 10.76 3.71 36.07
CA TYR B 350 11.39 4.12 37.32
C TYR B 350 11.22 3.26 38.58
N LEU B 351 10.48 2.16 38.49
CA LEU B 351 10.27 1.33 39.67
C LEU B 351 10.35 -0.14 39.35
N ALA B 352 10.20 -0.51 38.08
CA ALA B 352 10.26 -1.92 37.72
C ALA B 352 11.44 -2.26 36.85
N ASN B 353 12.38 -1.32 36.74
CA ASN B 353 13.58 -1.49 35.92
C ASN B 353 13.25 -2.19 34.58
N GLY B 354 12.15 -1.80 33.96
CA GLY B 354 11.78 -2.39 32.69
C GLY B 354 10.89 -3.60 32.72
N ASP B 355 10.68 -4.18 33.90
CA ASP B 355 9.85 -5.36 34.05
C ASP B 355 8.37 -5.04 33.84
N ASP B 356 7.83 -5.41 32.68
CA ASP B 356 6.42 -5.17 32.39
C ASP B 356 5.52 -5.73 33.51
N LEU B 357 5.85 -6.92 33.98
CA LEU B 357 5.06 -7.59 35.01
C LEU B 357 5.08 -6.94 36.40
N LYS B 358 6.22 -6.39 36.81
CA LYS B 358 6.25 -5.74 38.12
C LYS B 358 5.51 -4.41 38.01
N ALA B 359 5.41 -3.92 36.79
CA ALA B 359 4.73 -2.65 36.53
C ALA B 359 3.23 -2.88 36.75
N GLY B 360 2.71 -4.00 36.25
CA GLY B 360 1.31 -4.30 36.46
C GLY B 360 1.01 -4.42 37.96
N GLU B 361 1.90 -5.09 38.69
CA GLU B 361 1.76 -5.31 40.12
C GLU B 361 1.65 -3.95 40.80
N ILE B 362 2.61 -3.07 40.49
CA ILE B 362 2.68 -1.73 41.06
C ILE B 362 1.47 -0.83 40.77
N VAL B 363 1.04 -0.83 39.50
CA VAL B 363 -0.11 -0.02 39.10
C VAL B 363 -1.37 -0.58 39.75
N ASN B 364 -1.52 -1.90 39.72
CA ASN B 364 -2.69 -2.53 40.33
C ASN B 364 -2.79 -2.20 41.83
N ASN B 365 -1.67 -2.14 42.54
CA ASN B 365 -1.73 -1.82 43.96
C ASN B 365 -2.10 -0.36 44.17
N TRP B 366 -1.65 0.51 43.28
CA TRP B 366 -1.98 1.93 43.37
C TRP B 366 -3.47 2.20 43.17
N PHE B 367 -4.08 1.57 42.16
CA PHE B 367 -5.48 1.79 41.93
C PHE B 367 -6.34 1.08 42.94
N GLN B 368 -5.69 0.21 43.72
CA GLN B 368 -6.37 -0.51 44.78
C GLN B 368 -6.44 0.48 45.94
N GLU B 369 -5.30 1.09 46.29
CA GLU B 369 -5.29 2.06 47.37
C GLU B 369 -6.34 3.14 47.10
N LEU B 370 -6.58 3.41 45.82
CA LEU B 370 -7.55 4.41 45.41
C LEU B 370 -8.95 3.99 45.80
N LYS B 371 -9.28 2.74 45.48
CA LYS B 371 -10.57 2.17 45.79
C LYS B 371 -10.57 1.75 47.27
N THR B 372 -9.94 2.53 48.13
CA THR B 372 -9.90 2.21 49.56
C THR B 372 -9.63 3.42 50.41
N ASN B 373 -8.69 4.26 49.98
CA ASN B 373 -8.34 5.47 50.70
C ASN B 373 -8.64 6.66 49.82
N GLY B 374 -9.11 6.38 48.61
CA GLY B 374 -9.44 7.42 47.66
C GLY B 374 -8.25 8.31 47.35
N LYS B 375 -7.06 7.74 47.44
CA LYS B 375 -5.85 8.51 47.21
C LYS B 375 -4.63 7.65 47.39
N PHE B 376 -3.60 7.87 46.58
CA PHE B 376 -2.36 7.12 46.72
C PHE B 376 -1.16 8.01 46.46
N GLN B 377 -0.06 7.72 47.13
CA GLN B 377 1.17 8.50 46.99
C GLN B 377 2.19 7.75 46.14
N VAL B 378 2.87 8.44 45.23
CA VAL B 378 3.88 7.79 44.41
C VAL B 378 5.25 8.32 44.80
N ASP B 379 6.28 7.54 44.51
CA ASP B 379 7.67 7.89 44.81
C ASP B 379 8.10 9.08 43.95
N LYS B 380 8.88 9.96 44.56
CA LYS B 380 9.39 11.16 43.89
C LYS B 380 9.92 10.84 42.49
N SER B 381 10.42 9.62 42.28
CA SER B 381 10.95 9.28 40.98
C SER B 381 9.86 9.25 39.91
N ILE B 382 8.62 9.03 40.34
CA ILE B 382 7.49 8.97 39.42
C ILE B 382 7.12 10.36 38.93
N ILE B 383 6.98 11.29 39.85
CA ILE B 383 6.64 12.66 39.47
C ILE B 383 7.81 13.35 38.80
N GLU B 384 9.02 12.90 39.10
CA GLU B 384 10.19 13.49 38.48
C GLU B 384 10.26 12.99 37.05
N GLY B 385 9.85 11.74 36.84
CA GLY B 385 9.85 11.15 35.51
C GLY B 385 8.76 11.74 34.64
N ALA B 386 7.62 12.04 35.25
CA ALA B 386 6.51 12.63 34.53
C ALA B 386 6.81 14.07 34.14
N SER B 387 7.53 14.78 35.00
CA SER B 387 7.89 16.17 34.74
C SER B 387 8.92 16.34 33.62
N LYS B 388 9.42 15.24 33.08
CA LYS B 388 10.36 15.36 31.99
C LYS B 388 9.54 15.51 30.70
N ASP B 389 8.29 15.06 30.73
CA ASP B 389 7.46 15.15 29.55
C ASP B 389 6.18 15.97 29.73
N PHE B 390 5.82 16.28 30.97
CA PHE B 390 4.60 17.04 31.19
C PHE B 390 4.72 18.27 32.06
N THR B 391 3.90 19.26 31.74
CA THR B 391 3.77 20.50 32.49
C THR B 391 2.25 20.60 32.64
N SER B 392 1.77 21.37 33.61
CA SER B 392 0.33 21.51 33.79
C SER B 392 -0.06 22.88 34.30
N GLU B 393 -1.31 23.27 34.02
CA GLU B 393 -1.86 24.56 34.43
C GLU B 393 -3.33 24.39 34.81
N ARG B 394 -3.74 25.06 35.87
CA ARG B 394 -5.13 25.00 36.32
C ARG B 394 -5.72 26.33 35.90
N VAL B 395 -6.89 26.27 35.26
CA VAL B 395 -7.52 27.49 34.76
C VAL B 395 -8.89 27.63 35.41
N SER B 396 -9.10 28.74 36.12
CA SER B 396 -10.37 29.00 36.81
C SER B 396 -11.45 29.46 35.82
N ASN B 397 -12.69 29.53 36.28
CA ASN B 397 -13.77 29.96 35.41
C ASN B 397 -13.59 31.41 34.95
N GLU B 398 -13.21 32.28 35.88
CA GLU B 398 -13.02 33.69 35.59
C GLU B 398 -12.04 33.78 34.44
N GLU B 399 -10.91 33.10 34.58
CA GLU B 399 -9.88 33.10 33.55
C GLU B 399 -10.36 32.45 32.26
N THR B 400 -11.26 31.48 32.38
CA THR B 400 -11.78 30.83 31.19
C THR B 400 -12.56 31.86 30.39
N SER B 401 -13.51 32.52 31.06
CA SER B 401 -14.31 33.52 30.38
C SER B 401 -13.48 34.69 29.85
N GLU B 402 -12.53 35.16 30.65
CA GLU B 402 -11.70 36.27 30.21
C GLU B 402 -10.81 35.94 29.02
N THR B 403 -10.45 34.67 28.86
CA THR B 403 -9.61 34.28 27.73
C THR B 403 -10.44 34.35 26.45
N ILE B 404 -11.71 33.95 26.54
CA ILE B 404 -12.61 33.98 25.40
C ILE B 404 -12.67 35.44 24.92
N LYS B 405 -12.84 36.35 25.88
CA LYS B 405 -12.92 37.77 25.59
C LYS B 405 -11.61 38.35 25.05
N LYS B 406 -10.49 37.97 25.65
CA LYS B 406 -9.17 38.44 25.26
C LYS B 406 -8.85 38.02 23.80
N ILE B 407 -9.08 36.76 23.47
CA ILE B 407 -8.80 36.31 22.13
C ILE B 407 -9.72 36.97 21.10
N TYR B 408 -10.97 37.22 21.48
CA TYR B 408 -11.91 37.85 20.58
C TYR B 408 -11.39 39.22 20.14
N GLU B 409 -10.89 39.99 21.11
CA GLU B 409 -10.34 41.32 20.83
C GLU B 409 -8.95 41.20 20.19
N SER B 410 -8.13 40.39 20.84
CA SER B 410 -6.75 40.15 20.44
C SER B 410 -6.52 39.46 19.09
N SER B 411 -7.37 38.54 18.70
CA SER B 411 -7.15 37.81 17.46
C SER B 411 -6.85 38.71 16.26
N VAL B 412 -6.10 38.17 15.30
CA VAL B 412 -5.70 38.89 14.08
C VAL B 412 -5.92 38.05 12.82
N ASN B 413 -5.64 36.75 12.90
CA ASN B 413 -5.81 35.82 11.78
C ASN B 413 -6.60 34.63 12.28
N PRO B 414 -7.93 34.71 12.25
CA PRO B 414 -8.72 35.84 11.77
C PRO B 414 -9.12 36.77 12.89
N LYS B 415 -9.68 37.90 12.51
CA LYS B 415 -10.13 38.90 13.45
C LYS B 415 -11.40 38.35 14.10
N HIS B 416 -11.55 38.62 15.39
CA HIS B 416 -12.71 38.16 16.15
C HIS B 416 -12.91 36.67 16.15
N TYR B 417 -11.83 35.95 16.42
CA TYR B 417 -11.83 34.50 16.50
C TYR B 417 -12.51 34.14 17.83
N ILE B 418 -13.55 33.30 17.76
CA ILE B 418 -14.29 32.91 18.96
C ILE B 418 -13.90 31.53 19.49
N LEU B 419 -13.63 31.45 20.78
CA LEU B 419 -13.24 30.19 21.38
C LEU B 419 -14.36 29.62 22.25
N ASP B 420 -14.49 28.30 22.22
CA ASP B 420 -15.46 27.63 23.07
C ASP B 420 -14.71 27.62 24.40
N PRO B 421 -15.42 27.46 25.53
CA PRO B 421 -14.75 27.45 26.82
C PRO B 421 -13.64 26.39 27.05
N HIS B 422 -13.80 25.20 26.47
CA HIS B 422 -12.81 24.14 26.65
C HIS B 422 -11.49 24.52 26.00
N THR B 423 -11.58 25.08 24.80
CA THR B 423 -10.41 25.54 24.07
C THR B 423 -9.79 26.69 24.87
N ALA B 424 -10.67 27.53 25.41
CA ALA B 424 -10.28 28.69 26.20
C ALA B 424 -9.36 28.25 27.32
N VAL B 425 -9.79 27.25 28.07
CA VAL B 425 -8.97 26.74 29.16
C VAL B 425 -7.58 26.47 28.64
N GLY B 426 -7.54 25.92 27.43
CA GLY B 426 -6.27 25.60 26.81
C GLY B 426 -5.48 26.80 26.33
N VAL B 427 -6.15 27.82 25.80
CA VAL B 427 -5.41 28.94 25.29
C VAL B 427 -4.92 29.76 26.48
N CYS B 428 -5.69 29.70 27.56
CA CYS B 428 -5.30 30.41 28.76
C CYS B 428 -3.96 29.84 29.24
N ALA B 429 -3.89 28.51 29.32
CA ALA B 429 -2.66 27.87 29.72
C ALA B 429 -1.58 28.18 28.69
N THR B 430 -1.95 28.12 27.41
CA THR B 430 -0.98 28.38 26.34
C THR B 430 -0.33 29.75 26.52
N GLU B 431 -1.15 30.75 26.83
CA GLU B 431 -0.65 32.09 27.04
C GLU B 431 0.21 32.23 28.30
N ARG B 432 -0.14 31.53 29.38
CA ARG B 432 0.69 31.59 30.57
C ARG B 432 2.09 31.06 30.20
N LEU B 433 2.13 30.05 29.35
CA LEU B 433 3.37 29.41 28.91
C LEU B 433 4.22 30.30 28.03
N ILE B 434 3.57 31.01 27.12
CA ILE B 434 4.29 31.92 26.23
C ILE B 434 5.01 32.93 27.11
N ALA B 435 4.30 33.41 28.13
CA ALA B 435 4.85 34.39 29.04
C ALA B 435 6.09 33.90 29.79
N LYS B 436 6.01 32.72 30.39
CA LYS B 436 7.15 32.22 31.14
C LYS B 436 8.14 31.28 30.48
N ASP B 437 7.92 30.93 29.21
CA ASP B 437 8.85 30.02 28.53
C ASP B 437 10.09 30.78 28.10
N ASN B 438 9.93 32.10 27.89
CA ASN B 438 11.01 32.95 27.48
C ASN B 438 11.62 32.53 26.15
N ASP B 439 10.77 32.01 25.25
CA ASP B 439 11.24 31.62 23.93
C ASP B 439 10.11 31.69 22.93
N LYS B 440 9.92 32.88 22.37
CA LYS B 440 8.84 33.07 21.42
C LYS B 440 9.10 32.40 20.09
N SER B 441 10.27 31.77 19.92
CA SER B 441 10.49 31.07 18.69
C SER B 441 9.65 29.77 18.77
N ILE B 442 9.33 29.34 19.98
CA ILE B 442 8.54 28.13 20.14
C ILE B 442 7.16 28.23 19.45
N GLN B 443 6.77 27.16 18.76
CA GLN B 443 5.49 27.12 18.09
C GLN B 443 4.45 26.56 19.06
N TYR B 444 3.54 27.37 19.54
CA TYR B 444 2.54 26.82 20.43
C TYR B 444 1.29 26.33 19.69
N ILE B 445 0.93 25.07 19.89
CA ILE B 445 -0.26 24.52 19.28
C ILE B 445 -1.25 24.18 20.39
N SER B 446 -2.30 24.98 20.49
CA SER B 446 -3.35 24.81 21.49
C SER B 446 -4.54 24.06 20.87
N LEU B 447 -4.99 22.98 21.52
CA LEU B 447 -6.08 22.17 20.96
C LEU B 447 -7.51 22.70 21.17
N SER B 448 -8.23 22.85 20.07
CA SER B 448 -9.59 23.34 20.15
C SER B 448 -10.48 22.10 20.01
N THR B 449 -11.05 21.71 21.14
CA THR B 449 -11.86 20.51 21.27
C THR B 449 -13.35 20.63 20.96
N ALA B 450 -13.85 21.86 20.86
CA ALA B 450 -15.27 22.05 20.57
C ALA B 450 -15.53 23.33 19.83
N HIS B 451 -16.45 23.26 18.88
CA HIS B 451 -16.87 24.41 18.11
C HIS B 451 -17.65 25.31 19.10
N PRO B 452 -17.47 26.63 19.02
CA PRO B 452 -18.16 27.54 19.93
C PRO B 452 -19.67 27.33 20.05
N ALA B 453 -20.30 26.86 18.98
CA ALA B 453 -21.73 26.65 18.98
C ALA B 453 -22.23 25.60 19.98
N LYS B 454 -21.33 24.72 20.40
CA LYS B 454 -21.68 23.65 21.33
C LYS B 454 -21.82 24.17 22.75
N PHE B 455 -21.31 25.37 23.02
CA PHE B 455 -21.41 25.95 24.33
C PHE B 455 -21.66 27.44 24.21
N ALA B 456 -22.87 27.78 23.80
CA ALA B 456 -23.29 29.16 23.61
C ALA B 456 -23.19 30.01 24.87
N ASP B 457 -23.81 29.54 25.95
CA ASP B 457 -23.79 30.29 27.20
C ASP B 457 -22.47 30.92 27.60
N ALA B 458 -21.41 30.12 27.62
CA ALA B 458 -20.09 30.63 27.98
C ALA B 458 -19.65 31.68 26.97
N VAL B 459 -19.81 31.37 25.69
CA VAL B 459 -19.42 32.29 24.63
C VAL B 459 -20.26 33.57 24.68
N ASN B 460 -21.57 33.44 24.81
CA ASN B 460 -22.44 34.59 24.89
C ASN B 460 -22.13 35.48 26.09
N ASN B 461 -22.11 34.89 27.28
CA ASN B 461 -21.83 35.66 28.50
C ASN B 461 -20.49 36.36 28.50
N ALA B 462 -19.57 35.90 27.66
CA ALA B 462 -18.26 36.53 27.62
C ALA B 462 -18.17 37.57 26.51
N LEU B 463 -18.98 37.41 25.48
CA LEU B 463 -18.96 38.34 24.35
C LEU B 463 -20.16 39.25 24.27
N SER B 464 -20.93 39.30 25.36
CA SER B 464 -22.12 40.15 25.43
C SER B 464 -21.64 41.59 25.40
N GLY B 465 -20.45 41.80 25.95
CA GLY B 465 -19.89 43.15 26.01
C GLY B 465 -19.39 43.75 24.71
N PHE B 466 -19.83 43.22 23.56
CA PHE B 466 -19.39 43.74 22.26
C PHE B 466 -20.60 43.95 21.38
N SER B 467 -20.75 45.17 20.86
CA SER B 467 -21.88 45.52 20.03
C SER B 467 -21.91 44.76 18.70
N ASN B 468 -20.74 44.34 18.22
CA ASN B 468 -20.68 43.61 16.96
C ASN B 468 -21.08 42.14 17.08
N TYR B 469 -20.81 41.54 18.25
CA TYR B 469 -21.13 40.14 18.48
C TYR B 469 -22.59 39.74 18.30
N SER B 470 -22.78 38.59 17.65
CA SER B 470 -24.10 38.02 17.39
C SER B 470 -23.93 36.51 17.26
N PHE B 471 -24.36 35.78 18.28
CA PHE B 471 -24.25 34.34 18.26
C PHE B 471 -24.72 33.77 16.93
N GLU B 472 -25.91 34.19 16.49
CA GLU B 472 -26.50 33.71 15.25
C GLU B 472 -25.76 34.10 14.00
N LYS B 473 -25.07 35.23 14.02
CA LYS B 473 -24.33 35.66 12.84
C LYS B 473 -22.88 35.22 12.79
N ASP B 474 -22.23 35.12 13.95
CA ASP B 474 -20.82 34.74 13.99
C ASP B 474 -20.51 33.34 14.48
N VAL B 475 -21.46 32.68 15.12
CA VAL B 475 -21.17 31.37 15.66
C VAL B 475 -21.99 30.22 15.12
N LEU B 476 -23.29 30.24 15.39
CA LEU B 476 -24.16 29.17 14.97
C LEU B 476 -23.97 28.79 13.51
N PRO B 477 -23.56 27.54 13.25
CA PRO B 477 -23.37 27.07 11.87
C PRO B 477 -24.70 26.73 11.23
N GLU B 478 -24.82 27.05 9.95
CA GLU B 478 -26.02 26.79 9.19
C GLU B 478 -26.47 25.36 9.40
N GLU B 479 -25.57 24.41 9.21
CA GLU B 479 -25.90 23.00 9.38
C GLU B 479 -26.42 22.74 10.80
N LEU B 480 -26.00 23.54 11.77
CA LEU B 480 -26.48 23.33 13.13
C LEU B 480 -27.78 24.08 13.41
N LYS B 481 -28.13 25.00 12.53
CA LYS B 481 -29.34 25.80 12.64
C LYS B 481 -30.57 24.96 12.25
N LYS B 482 -30.39 24.01 11.34
CA LYS B 482 -31.46 23.15 10.87
C LYS B 482 -31.94 22.20 11.96
N LEU B 483 -31.05 21.87 12.88
CA LEU B 483 -31.37 20.93 13.95
C LEU B 483 -32.71 21.15 14.68
N SER B 484 -32.88 22.32 15.30
CA SER B 484 -34.12 22.61 16.03
C SER B 484 -35.38 22.45 15.16
N THR B 485 -35.17 22.33 13.85
CA THR B 485 -36.28 22.20 12.89
C THR B 485 -36.43 20.78 12.30
N LEU B 486 -35.64 19.84 12.80
CA LEU B 486 -35.73 18.48 12.30
C LEU B 486 -36.52 17.66 13.30
N LYS B 487 -37.10 16.56 12.81
CA LYS B 487 -37.91 15.67 13.63
C LYS B 487 -37.09 14.91 14.67
N LYS B 488 -37.44 15.08 15.94
CA LYS B 488 -36.76 14.40 17.01
C LYS B 488 -37.35 13.02 17.22
N LYS B 489 -36.53 12.08 17.70
CA LYS B 489 -36.99 10.72 17.95
C LYS B 489 -36.87 10.44 19.43
N LEU B 490 -37.53 11.24 20.25
CA LEU B 490 -37.48 11.04 21.70
C LEU B 490 -38.14 9.72 22.13
N LYS B 491 -38.09 9.45 23.43
CA LYS B 491 -38.65 8.23 24.02
C LYS B 491 -38.40 8.31 25.51
N PHE B 492 -39.35 8.91 26.24
CA PHE B 492 -39.21 9.06 27.67
C PHE B 492 -39.38 7.79 28.48
N ILE B 493 -38.73 7.77 29.62
CA ILE B 493 -38.82 6.66 30.56
C ILE B 493 -38.96 7.34 31.90
N GLU B 494 -40.19 7.40 32.40
CA GLU B 494 -40.46 8.04 33.69
C GLU B 494 -39.96 7.17 34.83
N ARG B 495 -39.37 7.82 35.84
CA ARG B 495 -38.81 7.13 36.99
C ARG B 495 -37.58 6.29 36.56
N ALA B 496 -36.52 6.36 37.35
CA ALA B 496 -35.30 5.62 37.06
C ALA B 496 -35.53 4.11 37.22
N ASP B 497 -36.44 3.57 36.44
CA ASP B 497 -36.76 2.14 36.50
C ASP B 497 -35.84 1.29 35.64
N VAL B 498 -34.83 0.69 36.27
CA VAL B 498 -33.88 -0.18 35.58
C VAL B 498 -34.66 -1.23 34.79
N GLU B 499 -35.77 -1.68 35.39
CA GLU B 499 -36.64 -2.67 34.77
C GLU B 499 -37.17 -2.11 33.45
N LEU B 500 -37.57 -0.83 33.46
CA LEU B 500 -38.08 -0.16 32.28
C LEU B 500 -37.00 0.09 31.22
N VAL B 501 -35.84 0.59 31.65
CA VAL B 501 -34.75 0.84 30.71
C VAL B 501 -34.54 -0.44 29.92
N LYS B 502 -34.62 -1.57 30.61
CA LYS B 502 -34.49 -2.89 30.01
C LYS B 502 -35.52 -3.10 28.91
N ASN B 503 -36.79 -2.94 29.29
CA ASN B 503 -37.94 -3.12 28.39
C ASN B 503 -37.87 -2.31 27.10
N ALA B 504 -37.53 -1.03 27.22
CA ALA B 504 -37.43 -0.17 26.05
C ALA B 504 -36.35 -0.69 25.12
N ILE B 505 -35.21 -1.07 25.70
CA ILE B 505 -34.10 -1.60 24.92
C ILE B 505 -34.61 -2.78 24.10
N GLU B 506 -35.41 -3.61 24.75
CA GLU B 506 -35.96 -4.81 24.11
C GLU B 506 -36.78 -4.49 22.86
N GLU B 507 -37.44 -3.34 22.87
CA GLU B 507 -38.21 -2.93 21.71
C GLU B 507 -37.25 -2.32 20.67
N GLU B 508 -36.76 -3.22 19.82
CA GLU B 508 -35.83 -2.88 18.75
C GLU B 508 -36.63 -3.26 17.51
N LEU B 509 -37.87 -3.65 17.77
CA LEU B 509 -38.83 -4.08 16.77
C LEU B 509 -38.27 -5.12 15.82
N ALA B 510 -37.39 -5.97 16.35
CA ALA B 510 -36.75 -7.04 15.59
C ALA B 510 -35.81 -6.45 14.52
N LYS B 511 -36.31 -5.44 13.81
CA LYS B 511 -35.55 -4.77 12.77
C LYS B 511 -34.75 -3.59 13.36
N MSE B 512 -33.64 -3.89 14.03
CA MSE B 512 -32.80 -2.83 14.62
C MSE B 512 -31.62 -2.47 13.72
O MSE B 512 -30.47 -2.87 14.05
CB MSE B 512 -32.28 -3.26 16.01
CG MSE B 512 -31.42 -2.19 16.72
SE MSE B 512 -32.39 -0.72 17.60
CE MSE B 512 -33.52 -0.15 16.15
N1 PLP C . 17.44 -11.23 -27.86
C2 PLP C . 17.91 -12.12 -26.91
C2A PLP C . 19.33 -11.90 -26.46
C3 PLP C . 16.99 -13.15 -26.45
O3 PLP C . 17.54 -14.00 -25.53
C4 PLP C . 15.68 -13.20 -26.99
C4A PLP C . 14.84 -14.24 -26.46
C5 PLP C . 15.26 -12.18 -28.02
C6 PLP C . 16.18 -11.23 -28.42
C5A PLP C . 13.76 -12.19 -28.53
O4P PLP C . 12.74 -11.43 -27.74
P PLP C . 11.07 -11.60 -28.04
O1P PLP C . 10.38 -11.26 -26.79
O2P PLP C . 10.90 -13.10 -28.20
O3P PLP C . 10.77 -10.79 -29.22
N1 PLP D . -13.05 19.05 25.60
C2 PLP D . -14.27 18.64 25.03
C2A PLP D . -15.02 19.69 24.23
C3 PLP D . -14.67 17.25 25.28
O3 PLP D . -15.86 16.94 24.68
C4 PLP D . -13.87 16.41 26.06
C4A PLP D . -14.36 15.08 26.26
C5 PLP D . -12.56 16.96 26.65
C6 PLP D . -12.22 18.28 26.38
C5A PLP D . -11.59 15.98 27.43
O4P PLP D . -10.64 15.17 26.62
P PLP D . -9.79 13.90 27.27
O1P PLP D . -9.44 12.93 26.26
O2P PLP D . -10.82 13.17 28.19
O3P PLP D . -8.68 14.47 28.09
#